data_1XM3
#
_entry.id   1XM3
#
_cell.length_a   144.536
_cell.length_b   120.722
_cell.length_c   74.244
_cell.angle_alpha   90.00
_cell.angle_beta   108.32
_cell.angle_gamma   90.00
#
_symmetry.space_group_name_H-M   'C 1 2 1'
#
loop_
_entity.id
_entity.type
_entity.pdbx_description
1 polymer 'Thiazole biosynthesis protein thiG'
2 water water
#
_entity_poly.entity_id   1
_entity_poly.type   'polypeptide(L)'
_entity_poly.pdbx_seq_one_letter_code
;MS(MSE)LTIGGKSFQSRLLLGTGKYPSFDIQKEAVAVSESDILTFAVRR(MSE)NIFEASQPNFLEQLDLSKYTLLPNT
AGASTAEEAVRIARLAKASGLCD(MSE)IKVEVIGCSRSLLPDPVETLKASEQLLEEGFIVLPYTSDDVVLARKLEELGV
HAI(MSE)PGASPIGSGQGILNPLNLSFIIEQAKVPVIVDAGIGSPKDAAYA(MSE)ELGADGVLLNTAVSGADDPVK
(MSE)ARA(MSE)KLAVEAGRLSYEAGRIPLKQYGTASSPGEGLPVLEHHHHHH
;
_entity_poly.pdbx_strand_id   A,B,C,D
#
# COMPACT_ATOMS: atom_id res chain seq x y z
N SER A 2 -10.03 -3.80 28.80
CA SER A 2 -10.98 -3.12 29.73
C SER A 2 -12.01 -2.32 28.94
N LEU A 4 -14.35 0.44 27.41
CA LEU A 4 -14.01 1.83 27.08
C LEU A 4 -14.43 2.75 28.23
N THR A 5 -13.46 3.46 28.81
CA THR A 5 -13.71 4.36 29.93
C THR A 5 -13.10 5.74 29.67
N ILE A 6 -13.95 6.77 29.74
CA ILE A 6 -13.50 8.14 29.51
C ILE A 6 -13.95 9.01 30.68
N GLY A 7 -12.99 9.68 31.31
CA GLY A 7 -13.32 10.55 32.42
C GLY A 7 -14.01 9.83 33.58
N GLY A 8 -13.71 8.55 33.75
CA GLY A 8 -14.32 7.79 34.83
C GLY A 8 -15.60 7.07 34.46
N LYS A 9 -16.17 7.41 33.30
CA LYS A 9 -17.41 6.79 32.85
C LYS A 9 -17.10 5.68 31.85
N SER A 10 -17.80 4.55 31.97
CA SER A 10 -17.59 3.43 31.06
C SER A 10 -18.72 3.34 30.04
N PHE A 11 -18.41 2.75 28.88
CA PHE A 11 -19.36 2.62 27.78
C PHE A 11 -19.31 1.20 27.21
N GLN A 12 -20.47 0.60 26.99
CA GLN A 12 -20.55 -0.75 26.43
C GLN A 12 -20.16 -0.77 24.95
N SER A 13 -20.47 0.30 24.24
CA SER A 13 -20.17 0.39 22.81
C SER A 13 -18.92 1.22 22.54
N ARG A 14 -18.02 0.69 21.72
CA ARG A 14 -16.79 1.38 21.37
C ARG A 14 -16.96 2.19 20.09
N LEU A 15 -18.19 2.26 19.61
CA LEU A 15 -18.51 3.00 18.40
C LEU A 15 -19.18 4.33 18.73
N LEU A 16 -18.49 5.43 18.43
CA LEU A 16 -19.04 6.76 18.66
C LEU A 16 -19.66 7.20 17.34
N LEU A 17 -20.93 7.58 17.39
CA LEU A 17 -21.65 7.95 16.17
C LEU A 17 -22.02 9.42 16.02
N GLY A 18 -21.75 9.97 14.85
CA GLY A 18 -22.08 11.35 14.58
C GLY A 18 -23.52 11.47 14.12
N THR A 19 -24.09 12.65 14.29
CA THR A 19 -25.48 12.91 13.89
C THR A 19 -25.57 14.29 13.23
N GLY A 20 -26.60 14.48 12.41
CA GLY A 20 -26.76 15.78 11.77
C GLY A 20 -26.81 15.81 10.25
N LYS A 21 -26.12 14.88 9.59
CA LYS A 21 -26.12 14.85 8.13
C LYS A 21 -26.86 13.68 7.50
N TYR A 22 -27.82 13.11 8.24
CA TYR A 22 -28.61 12.00 7.73
C TYR A 22 -29.71 12.55 6.81
N PRO A 23 -30.23 11.70 5.89
CA PRO A 23 -31.28 12.14 4.97
C PRO A 23 -32.56 12.58 5.67
N SER A 24 -32.84 11.98 6.83
CA SER A 24 -34.03 12.31 7.60
C SER A 24 -33.87 11.91 9.06
N PHE A 25 -34.69 12.48 9.92
CA PHE A 25 -34.63 12.17 11.33
C PHE A 25 -35.03 10.73 11.60
N ASP A 26 -35.97 10.20 10.81
CA ASP A 26 -36.39 8.82 10.98
C ASP A 26 -35.23 7.89 10.73
N ILE A 27 -34.53 8.11 9.61
CA ILE A 27 -33.39 7.28 9.27
C ILE A 27 -32.29 7.45 10.32
N GLN A 28 -32.08 8.68 10.77
CA GLN A 28 -31.06 8.94 11.79
C GLN A 28 -31.35 8.18 13.08
N LYS A 29 -32.60 8.26 13.55
CA LYS A 29 -32.98 7.56 14.78
C LYS A 29 -32.79 6.05 14.64
N GLU A 30 -33.14 5.53 13.48
CA GLU A 30 -33.01 4.10 13.21
C GLU A 30 -31.53 3.70 13.21
N ALA A 31 -30.71 4.52 12.57
CA ALA A 31 -29.28 4.26 12.48
C ALA A 31 -28.65 4.27 13.88
N VAL A 32 -28.98 5.29 14.66
CA VAL A 32 -28.46 5.42 16.01
C VAL A 32 -28.79 4.16 16.81
N ALA A 33 -30.03 3.70 16.68
CA ALA A 33 -30.48 2.53 17.40
C ALA A 33 -29.72 1.26 17.01
N VAL A 34 -29.69 0.94 15.71
CA VAL A 34 -29.02 -0.26 15.25
C VAL A 34 -27.50 -0.21 15.44
N SER A 35 -26.95 0.97 15.67
CA SER A 35 -25.52 1.10 15.87
C SER A 35 -25.17 0.73 17.30
N GLU A 36 -26.14 0.89 18.19
CA GLU A 36 -25.97 0.59 19.60
C GLU A 36 -24.92 1.49 20.26
N SER A 37 -24.62 2.60 19.61
CA SER A 37 -23.64 3.55 20.15
C SER A 37 -24.16 4.15 21.44
N ASP A 38 -23.25 4.44 22.38
CA ASP A 38 -23.63 5.03 23.65
C ASP A 38 -23.25 6.51 23.67
N ILE A 39 -22.34 6.88 22.77
CA ILE A 39 -21.87 8.26 22.67
C ILE A 39 -22.23 8.85 21.31
N LEU A 40 -22.98 9.94 21.33
CA LEU A 40 -23.39 10.61 20.10
C LEU A 40 -22.66 11.94 19.99
N THR A 41 -22.07 12.21 18.82
CA THR A 41 -21.36 13.47 18.63
C THR A 41 -22.06 14.31 17.56
N PHE A 42 -21.89 15.63 17.63
CA PHE A 42 -22.54 16.52 16.69
C PHE A 42 -21.92 17.90 16.66
N ALA A 43 -22.03 18.59 15.53
CA ALA A 43 -21.46 19.92 15.39
C ALA A 43 -22.39 20.95 16.01
N VAL A 44 -22.03 21.43 17.19
CA VAL A 44 -22.81 22.43 17.92
C VAL A 44 -23.29 23.60 17.06
N ARG A 45 -22.34 24.25 16.38
CA ARG A 45 -22.66 25.40 15.52
C ARG A 45 -23.86 25.19 14.63
N ARG A 46 -23.92 24.04 13.96
CA ARG A 46 -25.02 23.73 13.06
C ARG A 46 -26.28 23.22 13.75
N ASN A 48 -30.13 24.78 15.93
CA ASN A 48 -31.04 25.87 16.30
C ASN A 48 -30.56 26.71 17.48
N ILE A 49 -30.09 26.05 18.54
CA ILE A 49 -29.61 26.74 19.74
C ILE A 49 -28.55 27.79 19.42
N PHE A 50 -27.94 27.67 18.25
CA PHE A 50 -26.89 28.58 17.80
C PHE A 50 -27.50 29.69 16.97
N LEU A 58 -31.37 16.59 15.24
CA LEU A 58 -31.09 15.76 16.41
C LEU A 58 -32.37 15.41 17.14
N GLU A 59 -33.49 15.94 16.63
CA GLU A 59 -34.80 15.70 17.23
C GLU A 59 -35.20 14.23 17.21
N GLN A 60 -36.27 13.91 17.95
CA GLN A 60 -36.81 12.55 18.04
C GLN A 60 -35.91 11.55 18.77
N LEU A 61 -34.86 12.07 19.39
CA LEU A 61 -33.93 11.21 20.14
C LEU A 61 -34.01 11.49 21.63
N ASP A 62 -34.09 10.42 22.43
CA ASP A 62 -34.15 10.55 23.88
C ASP A 62 -32.71 10.66 24.37
N LEU A 63 -32.22 11.89 24.46
CA LEU A 63 -30.84 12.14 24.89
C LEU A 63 -30.48 11.53 26.25
N SER A 64 -31.50 11.13 27.01
CA SER A 64 -31.27 10.53 28.32
C SER A 64 -30.62 9.16 28.23
N LYS A 65 -30.66 8.56 27.05
CA LYS A 65 -30.07 7.25 26.83
C LYS A 65 -28.66 7.31 26.26
N TYR A 66 -28.14 8.52 26.09
CA TYR A 66 -26.81 8.69 25.51
C TYR A 66 -25.94 9.71 26.20
N THR A 67 -24.64 9.65 25.91
CA THR A 67 -23.67 10.59 26.44
C THR A 67 -23.41 11.49 25.24
N LEU A 68 -23.55 12.80 25.43
CA LEU A 68 -23.35 13.74 24.33
C LEU A 68 -21.93 14.28 24.20
N LEU A 69 -21.38 14.17 23.00
CA LEU A 69 -20.04 14.65 22.72
C LEU A 69 -20.13 15.73 21.63
N PRO A 70 -20.54 16.95 22.01
CA PRO A 70 -20.62 18.01 21.01
C PRO A 70 -19.22 18.36 20.55
N ASN A 71 -19.06 18.75 19.28
CA ASN A 71 -17.73 19.12 18.80
C ASN A 71 -17.73 20.58 18.40
N THR A 72 -16.53 21.14 18.26
CA THR A 72 -16.40 22.55 17.90
C THR A 72 -16.11 22.78 16.42
N ALA A 73 -16.70 21.96 15.56
CA ALA A 73 -16.52 22.11 14.12
C ALA A 73 -16.89 23.52 13.70
N GLY A 74 -16.04 24.14 12.89
CA GLY A 74 -16.29 25.50 12.44
C GLY A 74 -15.30 26.45 13.06
N ALA A 75 -14.70 26.05 14.18
CA ALA A 75 -13.73 26.87 14.88
C ALA A 75 -12.40 26.95 14.11
N SER A 76 -11.84 28.15 14.04
CA SER A 76 -10.56 28.38 13.36
C SER A 76 -9.46 28.65 14.37
N THR A 77 -9.83 29.13 15.55
CA THR A 77 -8.87 29.41 16.61
C THR A 77 -9.36 28.77 17.89
N ALA A 78 -8.47 28.69 18.88
CA ALA A 78 -8.84 28.11 20.17
C ALA A 78 -10.00 28.90 20.76
N GLU A 79 -9.94 30.22 20.63
CA GLU A 79 -10.98 31.07 21.19
C GLU A 79 -12.37 30.74 20.64
N GLU A 80 -12.47 30.50 19.35
CA GLU A 80 -13.76 30.16 18.77
C GLU A 80 -14.22 28.80 19.30
N ALA A 81 -13.28 27.88 19.48
CA ALA A 81 -13.62 26.55 19.98
C ALA A 81 -14.15 26.64 21.41
N VAL A 82 -13.52 27.48 22.23
CA VAL A 82 -13.93 27.66 23.62
C VAL A 82 -15.32 28.30 23.67
N ARG A 83 -15.58 29.25 22.77
CA ARG A 83 -16.88 29.92 22.71
C ARG A 83 -17.98 28.89 22.44
N ILE A 84 -17.72 28.04 21.45
CA ILE A 84 -18.66 27.01 21.07
C ILE A 84 -18.88 26.01 22.21
N ALA A 85 -17.79 25.60 22.85
CA ALA A 85 -17.88 24.65 23.96
C ALA A 85 -18.68 25.22 25.13
N ARG A 86 -18.42 26.47 25.49
CA ARG A 86 -19.14 27.11 26.59
C ARG A 86 -20.64 27.17 26.29
N LEU A 87 -20.98 27.42 25.03
CA LEU A 87 -22.38 27.51 24.65
C LEU A 87 -23.05 26.14 24.74
N ALA A 88 -22.33 25.11 24.28
CA ALA A 88 -22.86 23.75 24.33
C ALA A 88 -23.19 23.37 25.76
N LYS A 89 -22.27 23.68 26.67
CA LYS A 89 -22.42 23.37 28.08
C LYS A 89 -23.61 24.12 28.67
N ALA A 90 -23.67 25.42 28.42
CA ALA A 90 -24.75 26.25 28.93
C ALA A 90 -26.11 25.82 28.38
N SER A 91 -26.11 25.23 27.19
CA SER A 91 -27.35 24.77 26.57
C SER A 91 -27.78 23.39 27.06
N GLY A 92 -26.95 22.78 27.90
CA GLY A 92 -27.28 21.46 28.42
C GLY A 92 -27.11 20.33 27.42
N LEU A 93 -26.17 20.51 26.49
CA LEU A 93 -25.92 19.48 25.48
C LEU A 93 -24.45 19.10 25.46
N CYS A 94 -23.85 18.98 26.64
CA CYS A 94 -22.43 18.63 26.70
C CYS A 94 -22.03 17.82 27.93
N ASP A 95 -21.72 16.55 27.69
CA ASP A 95 -21.27 15.66 28.76
C ASP A 95 -19.74 15.60 28.65
N ILE A 97 -16.51 17.28 25.70
CA ILE A 97 -16.31 18.12 24.52
C ILE A 97 -15.23 17.61 23.57
N LYS A 98 -15.57 17.56 22.28
CA LYS A 98 -14.62 17.13 21.26
C LYS A 98 -14.03 18.40 20.68
N VAL A 99 -12.75 18.64 20.96
CA VAL A 99 -12.06 19.82 20.49
C VAL A 99 -11.63 19.63 19.04
N GLU A 100 -12.19 20.44 18.17
CA GLU A 100 -11.90 20.36 16.75
C GLU A 100 -11.61 21.75 16.21
N VAL A 101 -10.36 21.98 15.82
CA VAL A 101 -9.95 23.26 15.27
C VAL A 101 -9.27 23.01 13.93
N ILE A 102 -10.05 23.09 12.85
CA ILE A 102 -9.54 22.86 11.50
C ILE A 102 -8.66 24.01 11.04
N GLY A 103 -7.45 23.67 10.58
CA GLY A 103 -6.52 24.69 10.14
C GLY A 103 -6.23 24.73 8.65
N CYS A 104 -6.98 23.96 7.85
CA CYS A 104 -6.77 23.92 6.41
C CYS A 104 -8.10 23.70 5.71
N SER A 105 -8.55 24.68 4.93
CA SER A 105 -9.83 24.57 4.24
C SER A 105 -9.84 23.51 3.14
N ARG A 106 -8.67 23.14 2.64
CA ARG A 106 -8.57 22.14 1.57
C ARG A 106 -8.59 20.70 2.10
N SER A 107 -7.69 20.39 3.03
CA SER A 107 -7.60 19.05 3.60
C SER A 107 -8.46 18.88 4.84
N LEU A 108 -8.79 19.99 5.50
CA LEU A 108 -9.60 19.96 6.72
C LEU A 108 -8.85 19.35 7.89
N LEU A 109 -7.53 19.25 7.77
CA LEU A 109 -6.71 18.69 8.85
C LEU A 109 -6.60 19.69 10.01
N PRO A 110 -6.45 19.19 11.25
CA PRO A 110 -6.36 20.01 12.47
C PRO A 110 -5.14 20.88 12.68
N ASP A 111 -5.37 22.01 13.34
CA ASP A 111 -4.31 22.96 13.67
C ASP A 111 -3.80 22.52 15.04
N PRO A 112 -2.56 22.03 15.11
CA PRO A 112 -1.95 21.55 16.37
C PRO A 112 -1.76 22.60 17.45
N VAL A 113 -1.37 23.81 17.05
CA VAL A 113 -1.15 24.86 18.02
C VAL A 113 -2.46 25.27 18.69
N GLU A 114 -3.49 25.48 17.88
CA GLU A 114 -4.80 25.88 18.41
C GLU A 114 -5.48 24.75 19.17
N THR A 115 -5.27 23.51 18.74
CA THR A 115 -5.87 22.37 19.41
C THR A 115 -5.25 22.22 20.80
N LEU A 116 -3.94 22.40 20.87
CA LEU A 116 -3.20 22.32 22.13
C LEU A 116 -3.72 23.43 23.05
N LYS A 117 -3.86 24.63 22.49
CA LYS A 117 -4.33 25.80 23.25
C LYS A 117 -5.74 25.64 23.78
N ALA A 118 -6.66 25.22 22.91
CA ALA A 118 -8.05 25.05 23.31
C ALA A 118 -8.21 23.93 24.33
N SER A 119 -7.48 22.85 24.13
CA SER A 119 -7.55 21.71 25.04
C SER A 119 -7.15 22.11 26.47
N GLU A 120 -6.07 22.86 26.59
CA GLU A 120 -5.58 23.31 27.89
C GLU A 120 -6.59 24.22 28.57
N GLN A 121 -7.15 25.15 27.80
CA GLN A 121 -8.12 26.09 28.37
C GLN A 121 -9.40 25.39 28.83
N LEU A 122 -9.92 24.46 28.03
CA LEU A 122 -11.13 23.76 28.38
C LEU A 122 -10.93 22.82 29.57
N LEU A 123 -9.71 22.34 29.76
CA LEU A 123 -9.42 21.46 30.90
C LEU A 123 -9.44 22.32 32.16
N GLU A 124 -8.90 23.53 32.03
CA GLU A 124 -8.84 24.47 33.15
C GLU A 124 -10.25 24.88 33.55
N GLU A 125 -11.17 24.87 32.57
CA GLU A 125 -12.56 25.24 32.82
C GLU A 125 -13.43 24.08 33.31
N GLY A 126 -12.83 22.91 33.50
CA GLY A 126 -13.57 21.77 34.01
C GLY A 126 -14.25 20.81 33.06
N PHE A 127 -13.96 20.92 31.77
CA PHE A 127 -14.57 20.03 30.79
C PHE A 127 -13.87 18.69 30.73
N ILE A 128 -14.56 17.68 30.21
CA ILE A 128 -13.96 16.36 29.99
C ILE A 128 -13.57 16.62 28.53
N VAL A 129 -12.26 16.63 28.26
CA VAL A 129 -11.75 16.97 26.93
C VAL A 129 -11.20 15.86 26.05
N LEU A 130 -11.67 15.81 24.81
CA LEU A 130 -11.24 14.82 23.83
C LEU A 130 -10.84 15.56 22.55
N PRO A 131 -9.54 15.74 22.34
CA PRO A 131 -9.12 16.45 21.13
C PRO A 131 -8.99 15.64 19.85
N TYR A 132 -9.50 16.22 18.77
CA TYR A 132 -9.38 15.61 17.44
C TYR A 132 -8.00 16.08 17.04
N THR A 133 -7.16 15.16 16.58
CA THR A 133 -5.81 15.54 16.19
C THR A 133 -5.34 14.76 14.97
N SER A 134 -4.12 15.01 14.53
CA SER A 134 -3.55 14.33 13.37
C SER A 134 -2.89 13.06 13.90
N ASP A 135 -2.11 12.39 13.05
CA ASP A 135 -1.42 11.20 13.51
C ASP A 135 0.04 11.53 13.84
N ASP A 136 0.30 12.79 14.16
CA ASP A 136 1.64 13.23 14.56
C ASP A 136 1.79 12.58 15.93
N VAL A 137 2.76 11.67 16.05
CA VAL A 137 2.97 10.92 17.26
C VAL A 137 3.32 11.69 18.53
N VAL A 138 4.31 12.57 18.46
CA VAL A 138 4.67 13.32 19.66
C VAL A 138 3.57 14.31 20.04
N LEU A 139 2.89 14.86 19.04
CA LEU A 139 1.78 15.80 19.30
C LEU A 139 0.74 15.13 20.17
N ALA A 140 0.44 13.87 19.86
CA ALA A 140 -0.53 13.11 20.63
C ALA A 140 -0.11 13.05 22.09
N ARG A 141 1.18 12.79 22.33
CA ARG A 141 1.65 12.74 23.71
C ARG A 141 1.55 14.11 24.37
N LYS A 142 1.82 15.17 23.60
CA LYS A 142 1.74 16.52 24.13
C LYS A 142 0.32 16.80 24.63
N LEU A 143 -0.66 16.36 23.85
CA LEU A 143 -2.05 16.55 24.24
C LEU A 143 -2.32 15.77 25.52
N GLU A 144 -1.87 14.52 25.58
CA GLU A 144 -2.08 13.72 26.79
C GLU A 144 -1.46 14.40 28.01
N GLU A 145 -0.28 14.98 27.84
CA GLU A 145 0.40 15.62 28.96
C GLU A 145 -0.37 16.83 29.50
N LEU A 146 -1.27 17.40 28.70
CA LEU A 146 -2.08 18.52 29.16
C LEU A 146 -3.10 18.00 30.17
N GLY A 147 -3.44 16.71 30.02
CA GLY A 147 -4.42 16.09 30.89
C GLY A 147 -5.73 15.74 30.20
N VAL A 148 -5.73 15.67 28.87
CA VAL A 148 -6.95 15.35 28.14
C VAL A 148 -7.44 13.96 28.50
N HIS A 149 -8.74 13.74 28.35
CA HIS A 149 -9.35 12.46 28.72
C HIS A 149 -9.35 11.36 27.67
N ALA A 150 -8.95 11.72 26.47
CA ALA A 150 -8.87 10.78 25.36
C ALA A 150 -8.17 11.50 24.22
N ILE A 151 -7.57 10.75 23.30
CA ILE A 151 -6.91 11.35 22.16
C ILE A 151 -7.56 10.76 20.92
N PRO A 153 -6.93 10.67 17.14
CA PRO A 153 -6.19 10.88 15.90
C PRO A 153 -7.04 10.50 14.70
N GLY A 154 -6.95 11.26 13.62
CA GLY A 154 -7.74 10.96 12.44
C GLY A 154 -7.07 9.88 11.60
N ALA A 155 -7.86 8.98 11.04
CA ALA A 155 -7.32 7.91 10.21
C ALA A 155 -6.79 8.54 8.94
N SER A 156 -7.54 9.50 8.43
CA SER A 156 -7.20 10.24 7.23
C SER A 156 -8.02 11.53 7.27
N PRO A 157 -7.88 12.41 6.26
CA PRO A 157 -8.66 13.65 6.30
C PRO A 157 -10.16 13.44 6.41
N ILE A 158 -10.82 14.36 7.10
CA ILE A 158 -12.27 14.30 7.29
C ILE A 158 -12.96 14.14 5.94
N GLY A 159 -13.85 13.15 5.86
CA GLY A 159 -14.60 12.89 4.65
C GLY A 159 -13.84 12.29 3.47
N SER A 160 -12.60 11.90 3.69
CA SER A 160 -11.80 11.34 2.59
C SER A 160 -12.23 9.93 2.24
N GLY A 161 -12.76 9.21 3.24
CA GLY A 161 -13.19 7.84 3.03
C GLY A 161 -12.04 6.89 2.69
N GLN A 162 -10.81 7.33 2.96
CA GLN A 162 -9.64 6.51 2.63
C GLN A 162 -9.19 5.51 3.69
N GLY A 163 -9.74 5.59 4.90
CA GLY A 163 -9.33 4.66 5.94
C GLY A 163 -8.06 5.13 6.61
N ILE A 164 -7.36 4.25 7.32
CA ILE A 164 -6.14 4.70 7.98
C ILE A 164 -4.96 4.71 7.00
N LEU A 165 -4.40 5.89 6.80
CA LEU A 165 -3.29 6.08 5.87
C LEU A 165 -1.91 5.80 6.45
N ASN A 166 -1.77 5.91 7.77
CA ASN A 166 -0.48 5.67 8.39
C ASN A 166 -0.60 4.76 9.61
N PRO A 167 -0.78 3.46 9.40
CA PRO A 167 -0.92 2.47 10.49
C PRO A 167 0.24 2.50 11.47
N LEU A 168 1.45 2.77 10.96
CA LEU A 168 2.63 2.83 11.83
C LEU A 168 2.49 3.92 12.89
N ASN A 169 2.19 5.15 12.45
CA ASN A 169 2.04 6.24 13.41
C ASN A 169 0.90 5.97 14.39
N LEU A 170 -0.20 5.42 13.89
CA LEU A 170 -1.33 5.13 14.77
C LEU A 170 -0.91 4.10 15.82
N SER A 171 -0.08 3.15 15.39
CA SER A 171 0.43 2.12 16.29
C SER A 171 1.28 2.74 17.40
N PHE A 172 2.10 3.72 17.04
CA PHE A 172 2.94 4.39 18.03
C PHE A 172 2.07 5.13 19.03
N ILE A 173 1.06 5.85 18.53
CA ILE A 173 0.16 6.61 19.38
C ILE A 173 -0.59 5.72 20.37
N ILE A 174 -1.14 4.61 19.89
CA ILE A 174 -1.87 3.72 20.76
C ILE A 174 -0.97 3.07 21.80
N GLU A 175 0.20 2.62 21.37
CA GLU A 175 1.12 1.97 22.29
C GLU A 175 1.72 2.87 23.36
N GLN A 176 1.74 4.18 23.15
CA GLN A 176 2.30 5.10 24.14
C GLN A 176 1.22 5.75 25.02
N ALA A 177 -0.03 5.66 24.59
CA ALA A 177 -1.17 6.26 25.29
C ALA A 177 -1.43 5.76 26.71
N LYS A 178 -1.91 6.69 27.55
CA LYS A 178 -2.25 6.43 28.94
C LYS A 178 -3.75 6.70 29.13
N VAL A 179 -4.40 7.13 28.05
CA VAL A 179 -5.84 7.38 28.04
C VAL A 179 -6.36 6.73 26.75
N PRO A 180 -7.68 6.53 26.64
CA PRO A 180 -8.15 5.90 25.41
C PRO A 180 -7.80 6.63 24.12
N VAL A 181 -7.64 5.84 23.07
CA VAL A 181 -7.33 6.36 21.75
C VAL A 181 -8.49 5.96 20.87
N ILE A 182 -9.17 6.95 20.30
CA ILE A 182 -10.27 6.65 19.42
C ILE A 182 -10.01 7.25 18.04
N VAL A 183 -9.94 6.38 17.05
CA VAL A 183 -9.69 6.80 15.67
C VAL A 183 -10.92 7.57 15.24
N ASP A 184 -10.69 8.81 14.79
CA ASP A 184 -11.78 9.68 14.41
C ASP A 184 -11.82 10.11 12.95
N ALA A 185 -12.91 9.73 12.28
CA ALA A 185 -13.16 10.07 10.88
C ALA A 185 -12.09 9.65 9.88
N GLY A 186 -12.40 9.84 8.60
CA GLY A 186 -11.50 9.44 7.55
C GLY A 186 -11.79 7.98 7.27
N ILE A 187 -12.75 7.44 8.00
CA ILE A 187 -13.16 6.04 7.84
C ILE A 187 -14.09 5.95 6.64
N GLY A 188 -13.99 4.88 5.87
CA GLY A 188 -14.86 4.74 4.71
C GLY A 188 -15.75 3.51 4.73
N SER A 189 -15.24 2.42 5.29
CA SER A 189 -15.99 1.17 5.33
C SER A 189 -15.61 0.31 6.54
N PRO A 190 -16.33 -0.79 6.77
CA PRO A 190 -16.05 -1.68 7.90
C PRO A 190 -14.59 -2.12 8.01
N LYS A 191 -13.92 -2.35 6.88
CA LYS A 191 -12.53 -2.80 6.95
C LYS A 191 -11.64 -1.79 7.69
N ASP A 192 -11.94 -0.51 7.54
CA ASP A 192 -11.16 0.53 8.21
C ASP A 192 -11.44 0.59 9.71
N ALA A 193 -12.71 0.45 10.07
CA ALA A 193 -13.11 0.48 11.48
C ALA A 193 -12.50 -0.74 12.17
N ALA A 194 -12.57 -1.88 11.50
CA ALA A 194 -12.01 -3.11 12.07
C ALA A 194 -10.50 -2.97 12.26
N TYR A 195 -9.83 -2.41 11.25
CA TYR A 195 -8.38 -2.26 11.31
C TYR A 195 -7.97 -1.40 12.51
N ALA A 196 -8.70 -0.32 12.76
CA ALA A 196 -8.40 0.56 13.89
C ALA A 196 -8.40 -0.24 15.19
N GLU A 198 -8.12 -3.46 15.43
CA GLU A 198 -7.10 -4.49 15.33
C GLU A 198 -5.73 -3.97 15.76
N LEU A 199 -5.52 -2.67 15.60
CA LEU A 199 -4.26 -2.05 15.97
C LEU A 199 -4.23 -1.75 17.47
N GLY A 200 -5.39 -1.91 18.11
CA GLY A 200 -5.45 -1.67 19.55
C GLY A 200 -6.17 -0.40 19.98
N ALA A 201 -6.90 0.24 19.07
CA ALA A 201 -7.63 1.45 19.44
C ALA A 201 -8.76 1.10 20.40
N ASP A 202 -9.13 2.04 21.27
CA ASP A 202 -10.19 1.80 22.24
C ASP A 202 -11.57 2.04 21.66
N GLY A 203 -11.62 2.66 20.48
CA GLY A 203 -12.89 2.93 19.84
C GLY A 203 -12.70 3.66 18.53
N VAL A 204 -13.82 3.90 17.85
CA VAL A 204 -13.80 4.61 16.58
C VAL A 204 -14.97 5.59 16.52
N LEU A 205 -14.73 6.78 15.99
CA LEU A 205 -15.78 7.77 15.86
C LEU A 205 -16.08 7.89 14.38
N LEU A 206 -17.34 7.65 14.01
CA LEU A 206 -17.76 7.71 12.61
C LEU A 206 -18.92 8.68 12.42
N ASN A 207 -19.05 9.18 11.20
CA ASN A 207 -20.14 10.08 10.85
C ASN A 207 -20.57 9.92 9.38
N THR A 208 -19.92 10.65 8.47
CA THR A 208 -20.31 10.58 7.07
C THR A 208 -20.25 9.21 6.41
N ALA A 209 -19.34 8.34 6.84
CA ALA A 209 -19.26 7.02 6.24
C ALA A 209 -20.60 6.31 6.40
N VAL A 210 -21.33 6.63 7.47
CA VAL A 210 -22.62 6.02 7.73
C VAL A 210 -23.77 6.87 7.18
N SER A 211 -23.83 8.13 7.57
CA SER A 211 -24.91 9.01 7.10
C SER A 211 -24.85 9.26 5.60
N GLY A 212 -23.66 9.15 5.02
CA GLY A 212 -23.50 9.38 3.60
C GLY A 212 -23.70 8.15 2.74
N ALA A 213 -23.92 6.99 3.36
CA ALA A 213 -24.12 5.76 2.61
C ALA A 213 -25.51 5.76 1.96
N ASP A 214 -25.71 4.94 0.93
CA ASP A 214 -27.00 4.88 0.27
C ASP A 214 -28.04 4.33 1.23
N ASP A 215 -27.59 3.50 2.16
CA ASP A 215 -28.46 2.90 3.17
C ASP A 215 -27.80 3.09 4.53
N PRO A 216 -27.98 4.27 5.15
CA PRO A 216 -27.38 4.58 6.46
C PRO A 216 -27.65 3.56 7.56
N VAL A 217 -28.89 3.09 7.66
CA VAL A 217 -29.23 2.12 8.70
C VAL A 217 -28.40 0.84 8.55
N LYS A 218 -28.29 0.34 7.33
CA LYS A 218 -27.53 -0.88 7.09
C LYS A 218 -26.04 -0.68 7.38
N ALA A 220 -24.78 1.51 9.40
CA ALA A 220 -24.61 1.70 10.84
C ALA A 220 -24.49 0.32 11.49
N ARG A 221 -25.24 -0.63 10.95
CA ARG A 221 -25.23 -2.01 11.44
C ARG A 221 -23.86 -2.60 11.13
N ALA A 222 -23.41 -2.40 9.89
CA ALA A 222 -22.12 -2.91 9.45
C ALA A 222 -20.97 -2.42 10.32
N LYS A 224 -21.14 -1.32 13.42
CA LYS A 224 -21.26 -1.86 14.76
C LYS A 224 -20.56 -3.22 14.80
N LEU A 225 -20.85 -4.05 13.80
CA LEU A 225 -20.27 -5.39 13.69
C LEU A 225 -18.76 -5.34 13.45
N ALA A 226 -18.32 -4.39 12.62
CA ALA A 226 -16.90 -4.25 12.31
C ALA A 226 -16.07 -3.86 13.52
N VAL A 227 -16.58 -2.92 14.32
CA VAL A 227 -15.87 -2.48 15.51
C VAL A 227 -15.78 -3.65 16.49
N GLU A 228 -16.87 -4.40 16.61
CA GLU A 228 -16.87 -5.57 17.49
C GLU A 228 -15.86 -6.59 16.99
N ALA A 229 -15.91 -6.87 15.69
CA ALA A 229 -15.02 -7.84 15.06
C ALA A 229 -13.55 -7.48 15.24
N GLY A 230 -13.22 -6.21 14.98
CA GLY A 230 -11.85 -5.75 15.13
C GLY A 230 -11.35 -5.88 16.56
N ARG A 231 -12.23 -5.55 17.51
CA ARG A 231 -11.86 -5.63 18.92
C ARG A 231 -11.62 -7.09 19.30
N LEU A 232 -12.52 -7.97 18.90
CA LEU A 232 -12.38 -9.38 19.20
C LEU A 232 -11.06 -9.92 18.64
N SER A 233 -10.72 -9.53 17.42
CA SER A 233 -9.48 -9.97 16.79
C SER A 233 -8.28 -9.50 17.59
N TYR A 234 -8.30 -8.25 18.01
CA TYR A 234 -7.21 -7.70 18.80
C TYR A 234 -7.01 -8.56 20.05
N GLU A 235 -8.11 -8.87 20.74
CA GLU A 235 -8.07 -9.68 21.95
C GLU A 235 -7.67 -11.13 21.69
N ALA A 236 -8.00 -11.64 20.50
CA ALA A 236 -7.73 -13.03 20.14
C ALA A 236 -6.32 -13.39 19.71
N GLY A 237 -5.46 -12.39 19.47
CA GLY A 237 -4.10 -12.69 19.07
C GLY A 237 -4.01 -13.29 17.68
N ARG A 238 -4.09 -12.43 16.66
CA ARG A 238 -4.04 -12.87 15.28
C ARG A 238 -2.73 -13.51 14.88
N ILE A 239 -2.74 -14.22 13.75
CA ILE A 239 -1.53 -14.86 13.26
C ILE A 239 -0.55 -13.83 12.73
N PRO A 240 0.75 -14.14 12.79
CA PRO A 240 1.74 -13.18 12.29
C PRO A 240 1.85 -13.20 10.77
N LEU A 241 2.68 -12.31 10.23
CA LEU A 241 2.90 -12.25 8.79
C LEU A 241 4.00 -13.25 8.47
N LYS A 242 3.76 -14.13 7.49
CA LYS A 242 4.76 -15.11 7.13
C LYS A 242 5.97 -14.38 6.55
N GLN A 243 7.16 -14.87 6.89
CA GLN A 243 8.39 -14.26 6.39
C GLN A 243 8.91 -15.09 5.23
N TYR A 244 9.00 -14.50 4.05
CA TYR A 244 9.48 -15.23 2.88
C TYR A 244 10.93 -14.93 2.55
N GLY A 245 11.38 -13.75 2.96
CA GLY A 245 12.76 -13.37 2.69
C GLY A 245 13.00 -13.04 1.24
N THR A 246 12.08 -12.34 0.59
CA THR A 246 12.26 -11.94 -0.80
C THR A 246 12.70 -10.48 -0.81
N ALA A 247 13.03 -9.96 -1.98
CA ALA A 247 13.48 -8.57 -2.12
C ALA A 247 12.39 -7.55 -1.74
N SER A 248 11.13 -7.96 -1.79
CA SER A 248 10.05 -7.05 -1.45
C SER A 248 10.04 -6.75 0.05
N SER A 249 10.82 -7.51 0.81
CA SER A 249 10.92 -7.31 2.26
C SER A 249 12.39 -7.16 2.62
N PRO A 250 13.00 -5.99 2.32
CA PRO A 250 14.41 -5.77 2.63
C PRO A 250 14.76 -5.94 4.11
N GLY A 251 15.77 -6.77 4.37
CA GLY A 251 16.21 -7.02 5.73
C GLY A 251 15.67 -8.31 6.29
N GLU A 252 14.59 -8.80 5.70
CA GLU A 252 13.95 -10.04 6.15
C GLU A 252 14.78 -11.26 5.75
N SER B 2 -30.69 -12.84 -2.16
CA SER B 2 -30.06 -14.01 -2.82
C SER B 2 -28.79 -14.43 -2.09
N LEU B 4 -25.62 -16.98 -0.81
CA LEU B 4 -24.63 -17.75 -1.53
C LEU B 4 -25.25 -19.03 -2.06
N THR B 5 -25.11 -19.26 -3.36
CA THR B 5 -25.66 -20.46 -3.99
C THR B 5 -24.59 -21.12 -4.87
N ILE B 6 -24.29 -22.38 -4.56
CA ILE B 6 -23.29 -23.13 -5.32
C ILE B 6 -23.88 -24.45 -5.77
N GLY B 7 -23.84 -24.72 -7.07
CA GLY B 7 -24.37 -25.96 -7.58
C GLY B 7 -25.85 -26.14 -7.28
N GLY B 8 -26.58 -25.03 -7.19
CA GLY B 8 -28.00 -25.12 -6.92
C GLY B 8 -28.39 -25.16 -5.46
N LYS B 9 -27.40 -25.19 -4.57
CA LYS B 9 -27.66 -25.22 -3.13
C LYS B 9 -27.35 -23.88 -2.48
N SER B 10 -28.24 -23.41 -1.61
CA SER B 10 -28.05 -22.13 -0.95
C SER B 10 -27.49 -22.28 0.46
N PHE B 11 -26.77 -21.26 0.92
CA PHE B 11 -26.16 -21.27 2.24
C PHE B 11 -26.41 -19.95 2.97
N GLN B 12 -26.84 -20.04 4.21
CA GLN B 12 -27.12 -18.86 5.02
C GLN B 12 -25.81 -18.12 5.35
N SER B 13 -24.76 -18.88 5.61
CA SER B 13 -23.47 -18.30 5.95
C SER B 13 -22.53 -18.20 4.75
N ARG B 14 -21.92 -17.03 4.58
CA ARG B 14 -20.99 -16.79 3.49
C ARG B 14 -19.55 -17.07 3.93
N LEU B 15 -19.40 -17.58 5.15
CA LEU B 15 -18.09 -17.90 5.70
C LEU B 15 -17.83 -19.41 5.63
N LEU B 16 -16.82 -19.81 4.86
CA LEU B 16 -16.47 -21.23 4.76
C LEU B 16 -15.31 -21.46 5.71
N LEU B 17 -15.47 -22.40 6.63
CA LEU B 17 -14.46 -22.66 7.64
C LEU B 17 -13.65 -23.93 7.50
N GLY B 18 -12.32 -23.78 7.63
CA GLY B 18 -11.43 -24.92 7.55
C GLY B 18 -11.37 -25.61 8.89
N THR B 19 -11.20 -26.93 8.87
CA THR B 19 -11.11 -27.70 10.10
C THR B 19 -9.93 -28.65 10.01
N GLY B 20 -9.41 -29.07 11.16
CA GLY B 20 -8.30 -30.00 11.14
C GLY B 20 -7.00 -29.55 11.78
N LYS B 21 -6.81 -28.25 11.99
CA LYS B 21 -5.57 -27.78 12.60
C LYS B 21 -5.79 -27.01 13.90
N TYR B 22 -6.91 -27.25 14.57
CA TYR B 22 -7.22 -26.60 15.83
C TYR B 22 -6.45 -27.28 16.98
N PRO B 23 -6.22 -26.55 18.09
CA PRO B 23 -5.49 -27.13 19.22
C PRO B 23 -6.20 -28.31 19.90
N SER B 24 -7.51 -28.43 19.71
CA SER B 24 -8.28 -29.53 20.28
C SER B 24 -9.62 -29.66 19.60
N PHE B 25 -10.23 -30.84 19.71
CA PHE B 25 -11.53 -31.07 19.09
C PHE B 25 -12.64 -30.27 19.78
N ASP B 26 -12.45 -29.99 21.06
CA ASP B 26 -13.44 -29.21 21.81
C ASP B 26 -13.42 -27.77 21.29
N ILE B 27 -12.24 -27.21 21.16
CA ILE B 27 -12.08 -25.85 20.67
C ILE B 27 -12.60 -25.76 19.23
N GLN B 28 -12.30 -26.77 18.41
CA GLN B 28 -12.76 -26.79 17.03
C GLN B 28 -14.29 -26.78 16.95
N LYS B 29 -14.91 -27.64 17.75
CA LYS B 29 -16.38 -27.73 17.79
C LYS B 29 -17.00 -26.38 18.16
N GLU B 30 -16.43 -25.73 19.17
CA GLU B 30 -16.94 -24.44 19.62
C GLU B 30 -16.68 -23.38 18.55
N ALA B 31 -15.53 -23.46 17.90
CA ALA B 31 -15.20 -22.51 16.86
C ALA B 31 -16.19 -22.64 15.71
N VAL B 32 -16.45 -23.87 15.29
CA VAL B 32 -17.39 -24.13 14.20
C VAL B 32 -18.76 -23.56 14.54
N ALA B 33 -19.21 -23.81 15.77
CA ALA B 33 -20.51 -23.34 16.21
C ALA B 33 -20.65 -21.83 16.19
N VAL B 34 -19.74 -21.13 16.84
CA VAL B 34 -19.81 -19.67 16.88
C VAL B 34 -19.60 -19.00 15.53
N SER B 35 -18.99 -19.71 14.59
CA SER B 35 -18.74 -19.14 13.27
C SER B 35 -20.02 -19.17 12.45
N GLU B 36 -20.93 -20.07 12.82
CA GLU B 36 -22.20 -20.23 12.13
C GLU B 36 -22.01 -20.64 10.68
N SER B 37 -20.82 -21.14 10.38
CA SER B 37 -20.51 -21.58 9.03
C SER B 37 -21.35 -22.79 8.65
N ASP B 38 -21.76 -22.85 7.38
CA ASP B 38 -22.56 -23.97 6.88
C ASP B 38 -21.71 -24.92 6.05
N ILE B 39 -20.58 -24.43 5.56
CA ILE B 39 -19.68 -25.23 4.73
C ILE B 39 -18.36 -25.42 5.46
N LEU B 40 -17.99 -26.68 5.70
CA LEU B 40 -16.73 -26.97 6.36
C LEU B 40 -15.78 -27.57 5.35
N THR B 41 -14.54 -27.08 5.33
CA THR B 41 -13.55 -27.56 4.39
C THR B 41 -12.40 -28.22 5.17
N PHE B 42 -11.73 -29.18 4.55
CA PHE B 42 -10.65 -29.90 5.22
C PHE B 42 -9.78 -30.67 4.24
N ALA B 43 -8.52 -30.88 4.61
CA ALA B 43 -7.60 -31.61 3.75
C ALA B 43 -7.82 -33.10 4.05
N VAL B 44 -8.59 -33.77 3.20
CA VAL B 44 -8.89 -35.19 3.38
C VAL B 44 -7.68 -36.11 3.39
N ARG B 45 -6.68 -35.77 2.58
CA ARG B 45 -5.47 -36.60 2.48
C ARG B 45 -4.77 -36.81 3.82
N ARG B 46 -4.94 -35.87 4.74
CA ARG B 46 -4.30 -35.98 6.04
C ARG B 46 -5.23 -36.52 7.13
N ASN B 48 -7.53 -40.07 8.81
CA ASN B 48 -7.46 -41.51 9.05
C ASN B 48 -7.85 -42.35 7.84
N ILE B 49 -8.86 -41.88 7.10
CA ILE B 49 -9.33 -42.59 5.92
C ILE B 49 -8.26 -42.85 4.88
N PHE B 50 -7.22 -42.02 4.84
CA PHE B 50 -6.12 -42.22 3.90
C PHE B 50 -5.04 -43.07 4.52
N GLU B 51 -4.98 -43.07 5.85
CA GLU B 51 -4.02 -43.85 6.62
C GLU B 51 -4.34 -43.73 8.11
N ALA B 52 -4.35 -44.87 8.80
CA ALA B 52 -4.68 -44.91 10.22
C ALA B 52 -3.54 -44.54 11.16
N SER B 53 -2.59 -43.75 10.68
CA SER B 53 -1.46 -43.35 11.52
C SER B 53 -1.67 -41.90 11.98
N GLN B 54 -2.80 -41.33 11.59
CA GLN B 54 -3.11 -39.95 11.95
C GLN B 54 -4.57 -39.81 12.38
N PRO B 55 -4.82 -39.03 13.46
CA PRO B 55 -6.19 -38.84 13.94
C PRO B 55 -7.05 -38.18 12.85
N ASN B 56 -8.37 -38.37 12.93
CA ASN B 56 -9.26 -37.79 11.93
C ASN B 56 -9.85 -36.47 12.41
N PHE B 57 -10.02 -35.54 11.47
CA PHE B 57 -10.60 -34.24 11.79
C PHE B 57 -12.11 -34.43 11.81
N LEU B 58 -12.86 -33.33 11.84
CA LEU B 58 -14.32 -33.42 11.86
C LEU B 58 -14.85 -34.22 13.04
N GLU B 59 -14.00 -34.45 14.04
CA GLU B 59 -14.40 -35.19 15.22
C GLU B 59 -15.38 -34.39 16.08
N GLN B 60 -16.30 -35.09 16.73
CA GLN B 60 -17.29 -34.44 17.59
C GLN B 60 -18.22 -33.51 16.82
N LEU B 61 -18.18 -33.60 15.50
CA LEU B 61 -19.02 -32.75 14.65
C LEU B 61 -20.17 -33.54 14.02
N ASP B 62 -21.34 -32.92 13.97
CA ASP B 62 -22.52 -33.54 13.38
C ASP B 62 -22.49 -33.24 11.88
N LEU B 63 -21.75 -34.05 11.13
CA LEU B 63 -21.62 -33.86 9.68
C LEU B 63 -22.93 -33.64 8.93
N SER B 64 -24.04 -34.07 9.52
CA SER B 64 -25.34 -33.92 8.87
C SER B 64 -25.86 -32.48 8.87
N LYS B 65 -25.25 -31.63 9.68
CA LYS B 65 -25.66 -30.23 9.79
C LYS B 65 -24.81 -29.29 8.94
N TYR B 66 -23.93 -29.86 8.12
CA TYR B 66 -23.04 -29.05 7.29
C TYR B 66 -22.83 -29.64 5.90
N THR B 67 -22.32 -28.80 4.99
CA THR B 67 -22.00 -29.24 3.64
C THR B 67 -20.48 -29.43 3.68
N LEU B 68 -19.99 -30.58 3.23
CA LEU B 68 -18.56 -30.85 3.27
C LEU B 68 -17.82 -30.50 1.99
N LEU B 69 -16.76 -29.71 2.14
CA LEU B 69 -15.92 -29.29 1.03
C LEU B 69 -14.49 -29.78 1.23
N PRO B 70 -14.25 -31.08 0.99
CA PRO B 70 -12.88 -31.59 1.17
C PRO B 70 -12.00 -30.99 0.08
N ASN B 71 -10.72 -30.77 0.39
CA ASN B 71 -9.82 -30.22 -0.60
C ASN B 71 -8.73 -31.22 -0.94
N THR B 72 -8.02 -30.98 -2.03
CA THR B 72 -6.98 -31.89 -2.48
C THR B 72 -5.57 -31.42 -2.11
N ALA B 73 -5.44 -30.74 -0.97
CA ALA B 73 -4.13 -30.26 -0.52
C ALA B 73 -3.17 -31.43 -0.48
N GLY B 74 -1.96 -31.22 -1.00
CA GLY B 74 -0.97 -32.27 -1.04
C GLY B 74 -0.72 -32.70 -2.47
N ALA B 75 -1.72 -32.52 -3.33
CA ALA B 75 -1.58 -32.89 -4.74
C ALA B 75 -0.62 -31.97 -5.49
N SER B 76 0.24 -32.56 -6.31
CA SER B 76 1.20 -31.82 -7.11
C SER B 76 0.77 -31.83 -8.58
N THR B 77 -0.05 -32.81 -8.95
CA THR B 77 -0.53 -32.91 -10.32
C THR B 77 -2.04 -33.10 -10.32
N ALA B 78 -2.64 -32.88 -11.48
CA ALA B 78 -4.08 -33.05 -11.62
C ALA B 78 -4.46 -34.48 -11.22
N GLU B 79 -3.69 -35.45 -11.69
CA GLU B 79 -3.98 -36.85 -11.38
C GLU B 79 -4.01 -37.14 -9.89
N GLU B 80 -3.11 -36.53 -9.12
CA GLU B 80 -3.09 -36.76 -7.68
C GLU B 80 -4.33 -36.11 -7.07
N ALA B 81 -4.73 -34.96 -7.60
CA ALA B 81 -5.92 -34.28 -7.09
C ALA B 81 -7.15 -35.15 -7.33
N VAL B 82 -7.25 -35.72 -8.53
CA VAL B 82 -8.38 -36.57 -8.87
C VAL B 82 -8.42 -37.81 -7.97
N ARG B 83 -7.24 -38.35 -7.64
CA ARG B 83 -7.17 -39.53 -6.78
C ARG B 83 -7.75 -39.21 -5.41
N ILE B 84 -7.33 -38.07 -4.86
CA ILE B 84 -7.81 -37.62 -3.55
C ILE B 84 -9.31 -37.38 -3.56
N ALA B 85 -9.79 -36.68 -4.59
CA ALA B 85 -11.21 -36.35 -4.71
C ALA B 85 -12.07 -37.62 -4.79
N ARG B 86 -11.64 -38.58 -5.59
CA ARG B 86 -12.38 -39.83 -5.73
C ARG B 86 -12.49 -40.57 -4.40
N LEU B 87 -11.40 -40.60 -3.64
CA LEU B 87 -11.39 -41.28 -2.36
C LEU B 87 -12.30 -40.57 -1.35
N ALA B 88 -12.29 -39.24 -1.39
CA ALA B 88 -13.12 -38.47 -0.49
C ALA B 88 -14.58 -38.77 -0.75
N LYS B 89 -14.95 -38.86 -2.02
CA LYS B 89 -16.33 -39.13 -2.42
C LYS B 89 -16.71 -40.56 -2.03
N ALA B 90 -15.80 -41.49 -2.25
CA ALA B 90 -16.06 -42.89 -1.91
C ALA B 90 -16.19 -43.08 -0.41
N SER B 91 -15.60 -42.17 0.36
CA SER B 91 -15.64 -42.25 1.81
C SER B 91 -16.85 -41.56 2.42
N GLY B 92 -17.67 -40.92 1.59
CA GLY B 92 -18.85 -40.24 2.09
C GLY B 92 -18.56 -38.91 2.76
N LEU B 93 -17.46 -38.27 2.39
CA LEU B 93 -17.09 -36.98 2.97
C LEU B 93 -16.95 -35.92 1.89
N CYS B 94 -17.77 -36.00 0.85
CA CYS B 94 -17.68 -35.02 -0.22
C CYS B 94 -19.01 -34.61 -0.85
N ASP B 95 -19.38 -33.34 -0.63
CA ASP B 95 -20.60 -32.78 -1.19
C ASP B 95 -20.19 -31.90 -2.38
N ILE B 97 -16.10 -30.52 -4.19
CA ILE B 97 -14.66 -30.69 -4.05
C ILE B 97 -13.89 -29.40 -4.31
N LYS B 98 -12.95 -29.09 -3.42
CA LYS B 98 -12.10 -27.90 -3.59
C LYS B 98 -10.84 -28.41 -4.25
N VAL B 99 -10.63 -27.99 -5.49
CA VAL B 99 -9.47 -28.41 -6.26
C VAL B 99 -8.29 -27.52 -5.90
N GLU B 100 -7.28 -28.14 -5.31
CA GLU B 100 -6.09 -27.41 -4.88
C GLU B 100 -4.85 -28.17 -5.35
N VAL B 101 -4.12 -27.56 -6.28
CA VAL B 101 -2.89 -28.18 -6.78
C VAL B 101 -1.79 -27.15 -6.64
N ILE B 102 -1.04 -27.24 -5.54
CA ILE B 102 0.05 -26.31 -5.28
C ILE B 102 1.24 -26.61 -6.20
N GLY B 103 1.76 -25.58 -6.85
CA GLY B 103 2.86 -25.77 -7.76
C GLY B 103 4.17 -25.12 -7.34
N CYS B 104 4.22 -24.61 -6.11
CA CYS B 104 5.44 -23.98 -5.60
C CYS B 104 5.58 -24.28 -4.11
N SER B 105 6.70 -24.94 -3.76
CA SER B 105 6.94 -25.31 -2.37
C SER B 105 7.26 -24.11 -1.48
N ARG B 106 7.75 -23.03 -2.08
CA ARG B 106 8.09 -21.84 -1.31
C ARG B 106 6.88 -20.94 -1.06
N SER B 107 6.19 -20.54 -2.12
CA SER B 107 5.04 -19.66 -2.00
C SER B 107 3.73 -20.39 -1.76
N LEU B 108 3.68 -21.66 -2.13
CA LEU B 108 2.46 -22.48 -1.99
C LEU B 108 1.37 -21.99 -2.93
N LEU B 109 1.74 -21.22 -3.95
CA LEU B 109 0.79 -20.72 -4.93
C LEU B 109 0.36 -21.84 -5.88
N PRO B 110 -0.88 -21.77 -6.40
CA PRO B 110 -1.41 -22.79 -7.30
C PRO B 110 -0.85 -22.90 -8.71
N ASP B 111 -0.86 -24.12 -9.23
CA ASP B 111 -0.39 -24.42 -10.57
C ASP B 111 -1.62 -24.27 -11.47
N PRO B 112 -1.64 -23.25 -12.35
CA PRO B 112 -2.78 -23.01 -13.25
C PRO B 112 -3.09 -24.13 -14.23
N VAL B 113 -2.05 -24.70 -14.82
CA VAL B 113 -2.23 -25.77 -15.80
C VAL B 113 -2.86 -27.01 -15.15
N GLU B 114 -2.32 -27.43 -14.01
CA GLU B 114 -2.86 -28.60 -13.33
C GLU B 114 -4.24 -28.32 -12.73
N THR B 115 -4.49 -27.09 -12.32
CA THR B 115 -5.78 -26.78 -11.74
C THR B 115 -6.85 -26.83 -12.83
N LEU B 116 -6.53 -26.31 -14.01
CA LEU B 116 -7.47 -26.36 -15.12
C LEU B 116 -7.73 -27.81 -15.49
N LYS B 117 -6.67 -28.60 -15.53
CA LYS B 117 -6.78 -30.01 -15.89
C LYS B 117 -7.64 -30.82 -14.89
N ALA B 118 -7.36 -30.65 -13.60
CA ALA B 118 -8.11 -31.37 -12.57
C ALA B 118 -9.58 -30.93 -12.54
N SER B 119 -9.80 -29.63 -12.70
CA SER B 119 -11.15 -29.10 -12.69
C SER B 119 -12.00 -29.68 -13.82
N GLU B 120 -11.43 -29.74 -15.01
CA GLU B 120 -12.14 -30.29 -16.17
C GLU B 120 -12.46 -31.76 -15.96
N GLN B 121 -11.48 -32.52 -15.47
CA GLN B 121 -11.67 -33.93 -15.24
C GLN B 121 -12.76 -34.21 -14.20
N LEU B 122 -12.69 -33.53 -13.06
CA LEU B 122 -13.67 -33.74 -12.00
C LEU B 122 -15.08 -33.31 -12.42
N LEU B 123 -15.18 -32.32 -13.29
CA LEU B 123 -16.51 -31.90 -13.76
C LEU B 123 -17.08 -33.06 -14.60
N GLU B 124 -16.24 -33.63 -15.45
CA GLU B 124 -16.67 -34.74 -16.30
C GLU B 124 -17.15 -35.91 -15.44
N GLU B 125 -16.54 -36.07 -14.27
CA GLU B 125 -16.90 -37.16 -13.36
C GLU B 125 -18.12 -36.86 -12.48
N GLY B 126 -18.76 -35.72 -12.72
CA GLY B 126 -19.95 -35.36 -11.98
C GLY B 126 -19.81 -34.64 -10.66
N PHE B 127 -18.62 -34.13 -10.35
CA PHE B 127 -18.43 -33.43 -9.08
C PHE B 127 -18.90 -31.99 -9.18
N ILE B 128 -19.16 -31.38 -8.04
CA ILE B 128 -19.51 -29.97 -7.97
C ILE B 128 -18.10 -29.45 -7.68
N VAL B 129 -17.54 -28.69 -8.62
CA VAL B 129 -16.15 -28.23 -8.51
C VAL B 129 -15.88 -26.76 -8.16
N LEU B 130 -15.00 -26.56 -7.17
CA LEU B 130 -14.60 -25.22 -6.74
C LEU B 130 -13.08 -25.14 -6.72
N PRO B 131 -12.49 -24.55 -7.77
CA PRO B 131 -11.03 -24.44 -7.83
C PRO B 131 -10.38 -23.29 -7.05
N TYR B 132 -9.33 -23.63 -6.33
CA TYR B 132 -8.55 -22.63 -5.60
C TYR B 132 -7.63 -22.14 -6.73
N THR B 133 -7.55 -20.84 -6.92
CA THR B 133 -6.72 -20.32 -7.99
C THR B 133 -6.02 -19.03 -7.54
N SER B 134 -5.21 -18.46 -8.43
CA SER B 134 -4.49 -17.23 -8.12
C SER B 134 -5.43 -16.08 -8.44
N ASP B 135 -4.92 -14.85 -8.43
CA ASP B 135 -5.75 -13.72 -8.79
C ASP B 135 -5.52 -13.31 -10.26
N ASP B 136 -5.05 -14.27 -11.06
CA ASP B 136 -4.82 -14.06 -12.50
C ASP B 136 -6.25 -13.95 -13.03
N VAL B 137 -6.59 -12.76 -13.54
CA VAL B 137 -7.93 -12.48 -14.02
C VAL B 137 -8.47 -13.36 -15.14
N VAL B 138 -7.73 -13.46 -16.24
CA VAL B 138 -8.22 -14.29 -17.34
C VAL B 138 -8.27 -15.77 -16.94
N LEU B 139 -7.31 -16.21 -16.14
CA LEU B 139 -7.31 -17.60 -15.68
C LEU B 139 -8.63 -17.93 -14.97
N ALA B 140 -9.12 -16.97 -14.19
CA ALA B 140 -10.38 -17.18 -13.47
C ALA B 140 -11.51 -17.45 -14.47
N ARG B 141 -11.57 -16.65 -15.53
CA ARG B 141 -12.61 -16.85 -16.54
C ARG B 141 -12.42 -18.19 -17.27
N LYS B 142 -11.16 -18.58 -17.49
CA LYS B 142 -10.90 -19.85 -18.14
C LYS B 142 -11.50 -20.98 -17.30
N LEU B 143 -11.34 -20.89 -15.98
CA LEU B 143 -11.87 -21.90 -15.09
C LEU B 143 -13.40 -21.89 -15.16
N GLU B 144 -14.00 -20.70 -15.13
CA GLU B 144 -15.45 -20.61 -15.22
C GLU B 144 -15.94 -21.26 -16.51
N GLU B 145 -15.20 -21.04 -17.59
CA GLU B 145 -15.59 -21.59 -18.89
C GLU B 145 -15.58 -23.12 -18.95
N LEU B 146 -14.90 -23.76 -18.01
CA LEU B 146 -14.88 -25.22 -17.97
C LEU B 146 -16.22 -25.68 -17.41
N GLY B 147 -16.86 -24.79 -16.64
CA GLY B 147 -18.13 -25.09 -16.03
C GLY B 147 -18.05 -25.28 -14.53
N VAL B 148 -17.01 -24.75 -13.88
CA VAL B 148 -16.89 -24.90 -12.43
C VAL B 148 -18.04 -24.20 -11.72
N HIS B 149 -18.33 -24.63 -10.49
CA HIS B 149 -19.46 -24.05 -9.76
C HIS B 149 -19.17 -22.84 -8.89
N ALA B 150 -17.88 -22.50 -8.79
CA ALA B 150 -17.43 -21.35 -8.02
C ALA B 150 -15.96 -21.15 -8.33
N ILE B 151 -15.46 -19.95 -8.12
CA ILE B 151 -14.05 -19.69 -8.35
C ILE B 151 -13.50 -19.13 -7.04
N PRO B 153 -10.28 -17.46 -5.80
CA PRO B 153 -8.98 -16.82 -5.91
C PRO B 153 -8.42 -16.54 -4.51
N GLY B 154 -7.11 -16.72 -4.35
CA GLY B 154 -6.52 -16.46 -3.04
C GLY B 154 -6.25 -14.97 -2.85
N ALA B 155 -6.42 -14.49 -1.63
CA ALA B 155 -6.17 -13.07 -1.33
C ALA B 155 -4.67 -12.84 -1.42
N SER B 156 -3.93 -13.81 -0.92
CA SER B 156 -2.46 -13.79 -0.90
C SER B 156 -2.03 -15.24 -0.67
N PRO B 157 -0.72 -15.52 -0.65
CA PRO B 157 -0.27 -16.89 -0.45
C PRO B 157 -0.80 -17.55 0.83
N ILE B 158 -1.04 -18.85 0.75
CA ILE B 158 -1.54 -19.63 1.87
C ILE B 158 -0.69 -19.40 3.11
N GLY B 159 -1.34 -19.05 4.22
CA GLY B 159 -0.63 -18.83 5.47
C GLY B 159 0.20 -17.55 5.58
N SER B 160 0.12 -16.67 4.59
CA SER B 160 0.91 -15.44 4.64
C SER B 160 0.36 -14.43 5.65
N GLY B 161 -0.95 -14.49 5.90
CA GLY B 161 -1.59 -13.58 6.83
C GLY B 161 -1.59 -12.13 6.36
N GLN B 162 -1.26 -11.92 5.09
CA GLN B 162 -1.18 -10.57 4.54
C GLN B 162 -2.47 -9.95 4.01
N GLY B 163 -3.53 -10.72 3.90
CA GLY B 163 -4.77 -10.17 3.39
C GLY B 163 -4.77 -10.07 1.88
N ILE B 164 -5.64 -9.24 1.32
CA ILE B 164 -5.73 -9.10 -0.12
C ILE B 164 -4.58 -8.23 -0.68
N LEU B 165 -3.73 -8.83 -1.50
CA LEU B 165 -2.59 -8.10 -2.05
C LEU B 165 -2.89 -7.37 -3.35
N ASN B 166 -3.88 -7.84 -4.10
CA ASN B 166 -4.21 -7.19 -5.37
C ASN B 166 -5.72 -6.99 -5.51
N PRO B 167 -6.28 -6.02 -4.77
CA PRO B 167 -7.72 -5.77 -4.85
C PRO B 167 -8.23 -5.43 -6.25
N LEU B 168 -7.38 -4.84 -7.09
CA LEU B 168 -7.79 -4.50 -8.45
C LEU B 168 -8.11 -5.78 -9.24
N ASN B 169 -7.20 -6.76 -9.20
CA ASN B 169 -7.42 -8.02 -9.90
C ASN B 169 -8.62 -8.75 -9.33
N LEU B 170 -8.76 -8.75 -8.01
CA LEU B 170 -9.90 -9.42 -7.39
C LEU B 170 -11.18 -8.75 -7.87
N SER B 171 -11.13 -7.43 -7.99
CA SER B 171 -12.30 -6.66 -8.46
C SER B 171 -12.67 -7.12 -9.88
N PHE B 172 -11.68 -7.27 -10.74
CA PHE B 172 -11.92 -7.71 -12.11
C PHE B 172 -12.54 -9.12 -12.12
N ILE B 173 -12.03 -9.99 -11.27
CA ILE B 173 -12.53 -11.36 -11.19
C ILE B 173 -13.98 -11.40 -10.72
N ILE B 174 -14.31 -10.63 -9.68
CA ILE B 174 -15.67 -10.62 -9.18
C ILE B 174 -16.63 -9.98 -10.19
N GLU B 175 -16.22 -8.89 -10.80
CA GLU B 175 -17.07 -8.20 -11.76
C GLU B 175 -17.39 -8.98 -13.04
N GLN B 176 -16.51 -9.89 -13.46
CA GLN B 176 -16.75 -10.67 -14.67
C GLN B 176 -17.40 -12.03 -14.41
N ALA B 177 -17.35 -12.50 -13.16
CA ALA B 177 -17.88 -13.81 -12.79
C ALA B 177 -19.37 -14.04 -13.03
N LYS B 178 -19.68 -15.29 -13.39
CA LYS B 178 -21.05 -15.72 -13.62
C LYS B 178 -21.43 -16.77 -12.57
N VAL B 179 -20.47 -17.11 -11.71
CA VAL B 179 -20.68 -18.05 -10.60
C VAL B 179 -20.10 -17.36 -9.36
N PRO B 180 -20.43 -17.86 -8.15
CA PRO B 180 -19.85 -17.16 -7.00
C PRO B 180 -18.33 -17.13 -6.92
N VAL B 181 -17.83 -16.08 -6.29
CA VAL B 181 -16.41 -15.88 -6.10
C VAL B 181 -16.16 -15.86 -4.61
N ILE B 182 -15.36 -16.80 -4.13
CA ILE B 182 -15.06 -16.83 -2.71
C ILE B 182 -13.55 -16.68 -2.51
N VAL B 183 -13.17 -15.62 -1.81
CA VAL B 183 -11.77 -15.35 -1.54
C VAL B 183 -11.28 -16.41 -0.57
N ASP B 184 -10.24 -17.11 -0.97
CA ASP B 184 -9.70 -18.22 -0.20
C ASP B 184 -8.30 -18.07 0.39
N ALA B 185 -8.24 -18.10 1.72
CA ALA B 185 -6.98 -18.01 2.47
C ALA B 185 -6.10 -16.80 2.15
N GLY B 186 -5.02 -16.68 2.91
CA GLY B 186 -4.13 -15.55 2.75
C GLY B 186 -4.71 -14.45 3.61
N ILE B 187 -5.80 -14.79 4.29
CA ILE B 187 -6.50 -13.86 5.17
C ILE B 187 -5.81 -13.86 6.52
N GLY B 188 -5.72 -12.69 7.15
CA GLY B 188 -5.07 -12.62 8.45
C GLY B 188 -5.93 -12.12 9.58
N SER B 189 -6.86 -11.22 9.29
CA SER B 189 -7.70 -10.64 10.32
C SER B 189 -9.05 -10.19 9.73
N PRO B 190 -10.00 -9.79 10.59
CA PRO B 190 -11.31 -9.34 10.14
C PRO B 190 -11.28 -8.26 9.06
N LYS B 191 -10.31 -7.35 9.13
CA LYS B 191 -10.26 -6.29 8.12
C LYS B 191 -10.14 -6.88 6.71
N ASP B 192 -9.40 -7.98 6.57
CA ASP B 192 -9.22 -8.61 5.26
C ASP B 192 -10.49 -9.32 4.79
N ALA B 193 -11.15 -10.00 5.71
CA ALA B 193 -12.39 -10.71 5.38
C ALA B 193 -13.45 -9.70 4.99
N ALA B 194 -13.55 -8.61 5.73
CA ALA B 194 -14.52 -7.57 5.43
C ALA B 194 -14.25 -6.96 4.06
N TYR B 195 -12.98 -6.68 3.78
CA TYR B 195 -12.60 -6.08 2.51
C TYR B 195 -13.01 -6.95 1.31
N ALA B 196 -12.82 -8.27 1.42
CA ALA B 196 -13.21 -9.17 0.35
C ALA B 196 -14.69 -8.99 0.04
N GLU B 198 -16.50 -6.39 0.84
CA GLU B 198 -16.74 -5.03 0.38
C GLU B 198 -16.49 -4.89 -1.12
N LEU B 199 -15.61 -5.73 -1.64
CA LEU B 199 -15.29 -5.72 -3.06
C LEU B 199 -16.34 -6.48 -3.88
N GLY B 200 -17.25 -7.16 -3.20
CA GLY B 200 -18.30 -7.88 -3.90
C GLY B 200 -18.19 -9.39 -3.92
N ALA B 201 -17.28 -9.96 -3.13
CA ALA B 201 -17.13 -11.41 -3.09
C ALA B 201 -18.39 -12.04 -2.50
N ASP B 202 -18.69 -13.26 -2.91
CA ASP B 202 -19.87 -13.96 -2.41
C ASP B 202 -19.58 -14.69 -1.11
N GLY B 203 -18.31 -14.80 -0.77
CA GLY B 203 -17.94 -15.47 0.46
C GLY B 203 -16.44 -15.47 0.69
N VAL B 204 -16.04 -16.00 1.84
CA VAL B 204 -14.63 -16.10 2.20
C VAL B 204 -14.38 -17.45 2.84
N LEU B 205 -13.25 -18.06 2.48
CA LEU B 205 -12.88 -19.36 3.04
C LEU B 205 -11.66 -19.12 3.93
N LEU B 206 -11.77 -19.48 5.20
CA LEU B 206 -10.69 -19.26 6.17
C LEU B 206 -10.30 -20.53 6.92
N ASN B 207 -9.04 -20.59 7.34
CA ASN B 207 -8.57 -21.73 8.10
C ASN B 207 -7.57 -21.29 9.17
N THR B 208 -6.29 -21.27 8.83
CA THR B 208 -5.25 -20.89 9.80
C THR B 208 -5.46 -19.58 10.54
N ALA B 209 -6.07 -18.59 9.88
CA ALA B 209 -6.31 -17.31 10.51
C ALA B 209 -7.09 -17.49 11.82
N VAL B 210 -7.98 -18.47 11.81
CA VAL B 210 -8.80 -18.77 12.98
C VAL B 210 -8.14 -19.82 13.88
N SER B 211 -7.88 -20.99 13.30
CA SER B 211 -7.27 -22.08 14.06
C SER B 211 -5.90 -21.73 14.65
N GLY B 212 -5.21 -20.80 14.01
CA GLY B 212 -3.89 -20.40 14.46
C GLY B 212 -3.85 -19.24 15.45
N ALA B 213 -5.00 -18.62 15.71
CA ALA B 213 -5.05 -17.51 16.65
C ALA B 213 -4.87 -18.03 18.07
N ASP B 214 -4.52 -17.14 19.00
CA ASP B 214 -4.34 -17.55 20.39
C ASP B 214 -5.66 -18.01 20.97
N ASP B 215 -6.74 -17.39 20.52
CA ASP B 215 -8.09 -17.72 20.97
C ASP B 215 -8.94 -18.00 19.72
N PRO B 216 -8.87 -19.23 19.19
CA PRO B 216 -9.62 -19.64 18.00
C PRO B 216 -11.13 -19.39 18.03
N VAL B 217 -11.76 -19.68 19.16
CA VAL B 217 -13.20 -19.48 19.27
C VAL B 217 -13.57 -18.01 19.09
N LYS B 218 -12.83 -17.14 19.77
CA LYS B 218 -13.08 -15.71 19.66
C LYS B 218 -12.83 -15.19 18.24
N ALA B 220 -13.04 -16.93 15.57
CA ALA B 220 -14.08 -17.51 14.72
C ALA B 220 -15.29 -16.57 14.72
N ARG B 221 -15.60 -16.04 15.90
CA ARG B 221 -16.71 -15.11 16.06
C ARG B 221 -16.36 -13.81 15.35
N ALA B 222 -15.10 -13.40 15.48
CA ALA B 222 -14.65 -12.17 14.83
C ALA B 222 -14.80 -12.24 13.31
N LYS B 224 -16.85 -14.24 11.62
CA LYS B 224 -18.26 -14.30 11.27
C LYS B 224 -18.82 -12.88 11.14
N LEU B 225 -18.54 -12.07 12.16
CA LEU B 225 -19.00 -10.68 12.18
C LEU B 225 -18.39 -9.86 11.04
N ALA B 226 -17.11 -10.08 10.77
CA ALA B 226 -16.42 -9.34 9.70
C ALA B 226 -17.05 -9.62 8.34
N VAL B 227 -17.35 -10.88 8.06
CA VAL B 227 -17.95 -11.25 6.79
C VAL B 227 -19.35 -10.63 6.66
N GLU B 228 -20.10 -10.63 7.76
CA GLU B 228 -21.44 -10.05 7.72
C GLU B 228 -21.33 -8.54 7.51
N ALA B 229 -20.40 -7.90 8.21
CA ALA B 229 -20.19 -6.45 8.12
C ALA B 229 -19.77 -6.04 6.71
N GLY B 230 -18.80 -6.75 6.14
CA GLY B 230 -18.34 -6.44 4.80
C GLY B 230 -19.44 -6.59 3.76
N ARG B 231 -20.26 -7.62 3.92
CA ARG B 231 -21.35 -7.87 2.99
C ARG B 231 -22.41 -6.76 3.10
N LEU B 232 -22.72 -6.38 4.34
CA LEU B 232 -23.69 -5.31 4.59
C LEU B 232 -23.20 -4.02 3.94
N SER B 233 -21.91 -3.73 4.11
CA SER B 233 -21.33 -2.52 3.53
C SER B 233 -21.48 -2.55 2.01
N TYR B 234 -21.21 -3.71 1.41
CA TYR B 234 -21.31 -3.85 -0.03
C TYR B 234 -22.72 -3.48 -0.52
N GLU B 235 -23.73 -3.98 0.18
CA GLU B 235 -25.13 -3.72 -0.15
C GLU B 235 -25.56 -2.28 0.14
N ALA B 236 -24.97 -1.70 1.17
CA ALA B 236 -25.32 -0.35 1.60
C ALA B 236 -24.81 0.83 0.76
N GLY B 237 -23.89 0.59 -0.15
CA GLY B 237 -23.38 1.66 -0.98
C GLY B 237 -22.51 2.63 -0.19
N ARG B 238 -21.26 2.23 0.05
CA ARG B 238 -20.32 3.04 0.79
C ARG B 238 -19.99 4.37 0.12
N ILE B 239 -19.47 5.32 0.90
CA ILE B 239 -19.12 6.62 0.35
C ILE B 239 -17.88 6.51 -0.55
N PRO B 240 -17.77 7.40 -1.55
CA PRO B 240 -16.63 7.36 -2.44
C PRO B 240 -15.40 8.01 -1.81
N LEU B 241 -14.29 8.01 -2.54
CA LEU B 241 -13.06 8.62 -2.06
C LEU B 241 -13.05 10.08 -2.49
N LYS B 242 -12.81 10.97 -1.55
CA LYS B 242 -12.77 12.39 -1.87
C LYS B 242 -11.60 12.60 -2.84
N GLN B 243 -11.81 13.45 -3.84
CA GLN B 243 -10.77 13.73 -4.82
C GLN B 243 -10.14 15.07 -4.48
N TYR B 244 -8.87 15.06 -4.09
CA TYR B 244 -8.18 16.30 -3.73
C TYR B 244 -7.38 16.91 -4.87
N GLY B 245 -7.06 16.09 -5.86
CA GLY B 245 -6.30 16.59 -7.00
C GLY B 245 -4.87 16.96 -6.68
N THR B 246 -4.20 16.17 -5.84
CA THR B 246 -2.81 16.44 -5.51
C THR B 246 -1.94 15.52 -6.36
N ALA B 247 -0.63 15.73 -6.32
CA ALA B 247 0.31 14.93 -7.10
C ALA B 247 0.29 13.46 -6.71
N SER B 248 -0.20 13.15 -5.51
CA SER B 248 -0.24 11.77 -5.06
C SER B 248 -1.32 10.97 -5.79
N SER B 249 -2.12 11.66 -6.60
CA SER B 249 -3.19 11.04 -7.36
C SER B 249 -3.16 11.53 -8.81
N PRO B 250 -2.25 10.99 -9.63
CA PRO B 250 -2.11 11.39 -11.03
C PRO B 250 -3.43 11.35 -11.79
N GLY B 251 -3.89 12.52 -12.22
CA GLY B 251 -5.16 12.61 -12.94
C GLY B 251 -6.25 13.14 -12.05
N GLU B 252 -5.87 13.61 -10.87
CA GLU B 252 -6.80 14.16 -9.88
C GLU B 252 -7.85 13.13 -9.48
N SER C 2 26.83 -7.68 -13.84
CA SER C 2 26.42 -8.45 -15.05
C SER C 2 25.85 -7.54 -16.13
N LEU C 4 22.52 -7.41 -19.20
CA LEU C 4 21.28 -8.05 -19.68
C LEU C 4 21.61 -8.91 -20.88
N THR C 5 21.29 -10.20 -20.78
CA THR C 5 21.55 -11.14 -21.87
C THR C 5 20.30 -11.97 -22.14
N ILE C 6 19.89 -12.01 -23.41
CA ILE C 6 18.71 -12.77 -23.81
C ILE C 6 19.03 -13.55 -25.07
N GLY C 7 18.85 -14.86 -25.03
CA GLY C 7 19.14 -15.68 -26.20
C GLY C 7 20.61 -15.60 -26.56
N GLY C 8 21.47 -15.40 -25.56
CA GLY C 8 22.90 -15.32 -25.81
C GLY C 8 23.40 -13.95 -26.23
N LYS C 9 22.48 -13.03 -26.52
CA LYS C 9 22.84 -11.68 -26.94
C LYS C 9 22.88 -10.71 -25.76
N SER C 10 23.90 -9.86 -25.71
CA SER C 10 24.04 -8.91 -24.62
C SER C 10 23.55 -7.51 -25.00
N PHE C 11 23.11 -6.76 -23.99
CA PHE C 11 22.61 -5.41 -24.18
C PHE C 11 23.13 -4.51 -23.08
N GLN C 12 23.62 -3.33 -23.45
CA GLN C 12 24.14 -2.37 -22.47
C GLN C 12 23.04 -1.75 -21.64
N SER C 13 21.89 -1.49 -22.27
CA SER C 13 20.75 -0.88 -21.59
C SER C 13 19.73 -1.92 -21.15
N ARG C 14 19.21 -1.77 -19.92
CA ARG C 14 18.22 -2.69 -19.38
C ARG C 14 16.81 -2.14 -19.58
N LEU C 15 16.73 -1.06 -20.37
CA LEU C 15 15.45 -0.43 -20.65
C LEU C 15 14.97 -0.75 -22.06
N LEU C 16 13.82 -1.40 -22.16
CA LEU C 16 13.21 -1.75 -23.44
C LEU C 16 12.12 -0.71 -23.69
N LEU C 17 12.05 -0.20 -24.91
CA LEU C 17 11.10 0.85 -25.24
C LEU C 17 10.16 0.57 -26.40
N GLY C 18 8.88 0.88 -26.20
CA GLY C 18 7.90 0.68 -27.24
C GLY C 18 7.88 1.87 -28.19
N THR C 19 7.38 1.66 -29.39
CA THR C 19 7.32 2.72 -30.40
C THR C 19 5.95 2.72 -31.10
N GLY C 20 5.61 3.83 -31.73
CA GLY C 20 4.35 3.92 -32.45
C GLY C 20 3.23 4.73 -31.83
N LYS C 21 3.39 5.20 -30.60
CA LYS C 21 2.33 5.96 -29.94
C LYS C 21 2.79 7.37 -29.54
N TYR C 22 3.86 7.84 -30.17
CA TYR C 22 4.41 9.16 -29.89
C TYR C 22 3.67 10.25 -30.65
N PRO C 23 3.75 11.50 -30.15
CA PRO C 23 3.08 12.64 -30.80
C PRO C 23 3.55 12.85 -32.24
N SER C 24 4.78 12.46 -32.51
CA SER C 24 5.35 12.60 -33.84
C SER C 24 6.61 11.75 -33.97
N PHE C 25 6.97 11.41 -35.20
CA PHE C 25 8.15 10.60 -35.43
C PHE C 25 9.43 11.31 -35.00
N ASP C 26 9.40 12.63 -35.00
CA ASP C 26 10.57 13.41 -34.58
C ASP C 26 10.75 13.25 -33.07
N ILE C 27 9.65 13.36 -32.33
CA ILE C 27 9.69 13.21 -30.89
C ILE C 27 10.08 11.78 -30.55
N GLN C 28 9.53 10.82 -31.29
CA GLN C 28 9.84 9.41 -31.06
C GLN C 28 11.32 9.13 -31.22
N LYS C 29 11.91 9.68 -32.29
CA LYS C 29 13.34 9.48 -32.55
C LYS C 29 14.23 10.01 -31.44
N GLU C 30 13.98 11.24 -31.00
CA GLU C 30 14.79 11.82 -29.94
C GLU C 30 14.56 11.11 -28.61
N ALA C 31 13.34 10.66 -28.38
CA ALA C 31 13.00 9.95 -27.15
C ALA C 31 13.78 8.63 -27.11
N VAL C 32 13.72 7.88 -28.21
CA VAL C 32 14.43 6.60 -28.30
C VAL C 32 15.92 6.85 -28.10
N ALA C 33 16.42 7.92 -28.71
CA ALA C 33 17.83 8.26 -28.60
C ALA C 33 18.26 8.56 -27.16
N VAL C 34 17.59 9.50 -26.51
CA VAL C 34 17.96 9.84 -25.14
C VAL C 34 17.76 8.71 -24.13
N SER C 35 16.86 7.78 -24.44
CA SER C 35 16.60 6.66 -23.53
C SER C 35 17.77 5.71 -23.48
N GLU C 36 18.57 5.70 -24.55
CA GLU C 36 19.73 4.83 -24.68
C GLU C 36 19.35 3.36 -24.74
N SER C 37 18.08 3.09 -25.01
CA SER C 37 17.58 1.72 -25.12
C SER C 37 18.22 1.01 -26.31
N ASP C 38 18.39 -0.31 -26.21
CA ASP C 38 18.99 -1.10 -27.28
C ASP C 38 17.93 -1.99 -27.93
N ILE C 39 16.82 -2.19 -27.24
CA ILE C 39 15.72 -3.04 -27.71
C ILE C 39 14.43 -2.24 -27.87
N LEU C 40 13.87 -2.27 -29.07
CA LEU C 40 12.62 -1.56 -29.34
C LEU C 40 11.51 -2.55 -29.67
N THR C 41 10.32 -2.31 -29.12
CA THR C 41 9.19 -3.18 -29.40
C THR C 41 8.15 -2.36 -30.16
N PHE C 42 7.30 -3.04 -30.92
CA PHE C 42 6.26 -2.38 -31.70
C PHE C 42 5.18 -3.38 -32.09
N ALA C 43 3.94 -2.92 -32.16
CA ALA C 43 2.80 -3.75 -32.50
C ALA C 43 2.64 -3.92 -34.00
N VAL C 44 3.14 -5.04 -34.51
CA VAL C 44 3.08 -5.36 -35.93
C VAL C 44 1.67 -5.35 -36.53
N ARG C 45 0.72 -5.91 -35.80
CA ARG C 45 -0.67 -5.99 -36.27
C ARG C 45 -1.30 -4.64 -36.56
N ARG C 46 -0.74 -3.57 -36.01
CA ARG C 46 -1.30 -2.24 -36.22
C ARG C 46 -0.51 -1.33 -37.16
N ASN C 48 1.81 -0.69 -41.12
CA ASN C 48 1.79 -0.92 -42.56
C ASN C 48 1.95 -2.36 -43.04
N ILE C 49 2.94 -3.07 -42.51
CA ILE C 49 3.17 -4.46 -42.93
C ILE C 49 1.99 -5.40 -42.71
N PHE C 50 1.03 -5.00 -41.88
CA PHE C 50 -0.15 -5.83 -41.64
C PHE C 50 -1.29 -5.34 -42.51
N GLU C 51 -1.26 -4.05 -42.84
CA GLU C 51 -2.26 -3.43 -43.68
C GLU C 51 -1.70 -2.12 -44.23
N ALA C 52 -1.57 -2.07 -45.55
CA ALA C 52 -1.02 -0.88 -46.21
C ALA C 52 -1.71 0.42 -45.81
N SER C 53 -2.95 0.32 -45.34
CA SER C 53 -3.69 1.51 -44.93
C SER C 53 -3.18 2.06 -43.61
N GLN C 54 -2.34 1.27 -42.94
CA GLN C 54 -1.77 1.66 -41.65
C GLN C 54 -0.35 2.18 -41.83
N PRO C 55 0.09 3.11 -40.95
CA PRO C 55 1.43 3.69 -41.03
C PRO C 55 2.55 2.82 -40.48
N ASN C 56 3.78 3.26 -40.70
CA ASN C 56 4.97 2.56 -40.23
C ASN C 56 5.47 3.25 -38.97
N PHE C 57 5.29 2.61 -37.82
CA PHE C 57 5.71 3.19 -36.55
C PHE C 57 7.23 3.36 -36.46
N LEU C 58 7.96 2.76 -37.38
CA LEU C 58 9.42 2.84 -37.34
C LEU C 58 10.05 3.80 -38.35
N GLU C 59 9.30 4.79 -38.80
CA GLU C 59 9.83 5.75 -39.76
C GLU C 59 10.88 6.65 -39.12
N GLN C 60 11.87 7.03 -39.91
CA GLN C 60 12.96 7.91 -39.47
C GLN C 60 13.97 7.24 -38.56
N LEU C 61 13.62 6.08 -38.00
CA LEU C 61 14.53 5.37 -37.11
C LEU C 61 15.56 4.55 -37.89
N ASP C 62 16.77 4.49 -37.37
CA ASP C 62 17.83 3.70 -38.00
C ASP C 62 17.80 2.36 -37.27
N LEU C 63 17.04 1.41 -37.82
CA LEU C 63 16.88 0.10 -37.21
C LEU C 63 18.15 -0.73 -36.99
N SER C 64 19.21 -0.41 -37.71
CA SER C 64 20.46 -1.16 -37.54
C SER C 64 21.14 -0.85 -36.21
N LYS C 65 20.66 0.18 -35.52
CA LYS C 65 21.25 0.55 -34.24
C LYS C 65 20.53 -0.15 -33.08
N TYR C 66 19.52 -0.95 -33.39
CA TYR C 66 18.76 -1.63 -32.33
C TYR C 66 18.45 -3.08 -32.62
N THR C 67 18.03 -3.78 -31.57
CA THR C 67 17.60 -5.16 -31.66
C THR C 67 16.09 -5.01 -31.70
N LEU C 68 15.43 -5.66 -32.66
CA LEU C 68 13.98 -5.52 -32.81
C LEU C 68 13.15 -6.57 -32.09
N LEU C 69 12.20 -6.10 -31.29
CA LEU C 69 11.31 -6.98 -30.54
C LEU C 69 9.85 -6.74 -30.91
N PRO C 70 9.44 -7.17 -32.11
CA PRO C 70 8.04 -6.96 -32.52
C PRO C 70 7.13 -7.66 -31.51
N ASN C 71 5.93 -7.11 -31.27
CA ASN C 71 5.01 -7.78 -30.37
C ASN C 71 3.72 -8.15 -31.10
N THR C 72 2.98 -9.08 -30.54
CA THR C 72 1.74 -9.56 -31.15
C THR C 72 0.50 -8.90 -30.55
N ALA C 73 0.65 -7.67 -30.06
CA ALA C 73 -0.49 -6.96 -29.48
C ALA C 73 -1.58 -6.93 -30.54
N GLY C 74 -2.82 -7.23 -30.11
CA GLY C 74 -3.94 -7.26 -31.03
C GLY C 74 -4.45 -8.68 -31.22
N ALA C 75 -3.57 -9.65 -31.00
CA ALA C 75 -3.94 -11.06 -31.15
C ALA C 75 -4.84 -11.48 -29.99
N SER C 76 -5.90 -12.22 -30.31
CA SER C 76 -6.84 -12.70 -29.30
C SER C 76 -6.67 -14.20 -29.09
N THR C 77 -5.94 -14.84 -30.00
CA THR C 77 -5.67 -16.27 -29.90
C THR C 77 -4.22 -16.57 -30.21
N ALA C 78 -3.79 -17.78 -29.88
CA ALA C 78 -2.42 -18.20 -30.14
C ALA C 78 -2.17 -18.22 -31.63
N GLU C 79 -3.17 -18.65 -32.40
CA GLU C 79 -3.02 -18.72 -33.86
C GLU C 79 -2.72 -17.35 -34.45
N GLU C 80 -3.46 -16.34 -34.03
CA GLU C 80 -3.26 -14.99 -34.53
C GLU C 80 -1.89 -14.47 -34.16
N ALA C 81 -1.45 -14.78 -32.94
CA ALA C 81 -0.13 -14.34 -32.47
C ALA C 81 0.96 -14.96 -33.34
N VAL C 82 0.84 -16.24 -33.64
CA VAL C 82 1.82 -16.93 -34.48
C VAL C 82 1.88 -16.28 -35.87
N ARG C 83 0.72 -15.94 -36.40
CA ARG C 83 0.61 -15.32 -37.71
C ARG C 83 1.31 -13.96 -37.73
N ILE C 84 1.09 -13.17 -36.68
CA ILE C 84 1.71 -11.85 -36.58
C ILE C 84 3.22 -12.02 -36.50
N ALA C 85 3.68 -12.96 -35.70
CA ALA C 85 5.11 -13.22 -35.54
C ALA C 85 5.73 -13.57 -36.88
N ARG C 86 5.09 -14.48 -37.62
CA ARG C 86 5.59 -14.89 -38.92
C ARG C 86 5.71 -13.71 -39.87
N LEU C 87 4.70 -12.84 -39.87
CA LEU C 87 4.70 -11.66 -40.72
C LEU C 87 5.91 -10.79 -40.38
N ALA C 88 6.07 -10.48 -39.09
CA ALA C 88 7.19 -9.66 -38.64
C ALA C 88 8.50 -10.22 -39.16
N LYS C 89 8.64 -11.54 -39.08
CA LYS C 89 9.86 -12.20 -39.53
C LYS C 89 10.05 -12.07 -41.03
N ALA C 90 8.98 -12.28 -41.80
CA ALA C 90 9.05 -12.18 -43.25
C ALA C 90 9.37 -10.77 -43.69
N SER C 91 8.97 -9.80 -42.86
CA SER C 91 9.22 -8.39 -43.16
C SER C 91 10.63 -7.98 -42.75
N GLY C 92 11.39 -8.92 -42.21
CA GLY C 92 12.74 -8.64 -41.78
C GLY C 92 12.79 -7.69 -40.58
N LEU C 93 11.77 -7.76 -39.73
CA LEU C 93 11.70 -6.90 -38.56
C LEU C 93 11.57 -7.71 -37.29
N CYS C 94 12.34 -8.77 -37.16
CA CYS C 94 12.25 -9.62 -35.98
C CYS C 94 13.53 -10.32 -35.55
N ASP C 95 14.06 -9.92 -34.40
CA ASP C 95 15.25 -10.54 -33.83
C ASP C 95 14.78 -11.43 -32.67
N ILE C 97 10.75 -12.29 -30.48
CA ILE C 97 9.33 -12.00 -30.51
C ILE C 97 8.69 -11.88 -29.14
N LYS C 98 7.95 -10.79 -28.93
CA LYS C 98 7.23 -10.57 -27.68
C LYS C 98 5.84 -11.15 -27.87
N VAL C 99 5.55 -12.23 -27.17
CA VAL C 99 4.25 -12.88 -27.27
C VAL C 99 3.26 -12.20 -26.36
N GLU C 100 2.22 -11.63 -26.97
CA GLU C 100 1.19 -10.92 -26.23
C GLU C 100 -0.19 -11.32 -26.71
N VAL C 101 -0.94 -12.03 -25.87
CA VAL C 101 -2.29 -12.44 -26.22
C VAL C 101 -3.21 -11.94 -25.11
N ILE C 102 -3.83 -10.80 -25.35
CA ILE C 102 -4.74 -10.21 -24.38
C ILE C 102 -6.06 -10.98 -24.35
N GLY C 103 -6.50 -11.33 -23.15
CA GLY C 103 -7.72 -12.10 -23.00
C GLY C 103 -8.89 -11.36 -22.39
N CYS C 104 -8.68 -10.10 -22.02
CA CYS C 104 -9.74 -9.29 -21.42
C CYS C 104 -9.70 -7.87 -22.03
N SER C 105 -10.81 -7.48 -22.66
CA SER C 105 -10.88 -6.16 -23.29
C SER C 105 -11.01 -5.03 -22.27
N ARG C 106 -11.39 -5.37 -21.04
CA ARG C 106 -11.56 -4.36 -20.00
C ARG C 106 -10.24 -4.06 -19.29
N SER C 107 -9.56 -5.11 -18.84
CA SER C 107 -8.30 -4.98 -18.12
C SER C 107 -7.09 -5.11 -19.03
N LEU C 108 -7.29 -5.75 -20.18
CA LEU C 108 -6.22 -5.99 -21.15
C LEU C 108 -5.22 -7.00 -20.60
N LEU C 109 -5.63 -7.74 -19.57
CA LEU C 109 -4.75 -8.74 -18.98
C LEU C 109 -4.58 -9.92 -19.94
N PRO C 110 -3.40 -10.59 -19.89
CA PRO C 110 -3.11 -11.72 -20.78
C PRO C 110 -3.85 -13.03 -20.53
N ASP C 111 -4.03 -13.78 -21.62
CA ASP C 111 -4.69 -15.08 -21.57
C ASP C 111 -3.57 -16.09 -21.32
N PRO C 112 -3.57 -16.73 -20.13
CA PRO C 112 -2.52 -17.70 -19.82
C PRO C 112 -2.46 -18.91 -20.73
N VAL C 113 -3.63 -19.45 -21.09
CA VAL C 113 -3.70 -20.63 -21.95
C VAL C 113 -3.18 -20.33 -23.36
N GLU C 114 -3.66 -19.25 -23.96
CA GLU C 114 -3.22 -18.89 -25.31
C GLU C 114 -1.74 -18.47 -25.33
N THR C 115 -1.27 -17.84 -24.25
CA THR C 115 0.11 -17.40 -24.17
C THR C 115 1.05 -18.60 -24.10
N LEU C 116 0.64 -19.60 -23.32
CA LEU C 116 1.40 -20.84 -23.17
C LEU C 116 1.50 -21.50 -24.56
N LYS C 117 0.35 -21.57 -25.23
CA LYS C 117 0.24 -22.20 -26.55
C LYS C 117 1.06 -21.49 -27.62
N ALA C 118 0.95 -20.18 -27.68
CA ALA C 118 1.68 -19.38 -28.66
C ALA C 118 3.19 -19.47 -28.45
N SER C 119 3.61 -19.44 -27.19
CA SER C 119 5.04 -19.51 -26.88
C SER C 119 5.64 -20.83 -27.35
N GLU C 120 4.91 -21.92 -27.09
CA GLU C 120 5.36 -23.25 -27.49
C GLU C 120 5.50 -23.36 -29.00
N GLN C 121 4.49 -22.87 -29.72
CA GLN C 121 4.51 -22.93 -31.18
C GLN C 121 5.65 -22.11 -31.77
N LEU C 122 5.82 -20.88 -31.30
CA LEU C 122 6.88 -20.03 -31.80
C LEU C 122 8.27 -20.61 -31.52
N LEU C 123 8.45 -21.24 -30.36
CA LEU C 123 9.73 -21.85 -30.03
C LEU C 123 10.00 -22.96 -31.04
N GLU C 124 8.95 -23.69 -31.38
CA GLU C 124 9.05 -24.78 -32.34
C GLU C 124 9.45 -24.23 -33.70
N GLU C 125 8.98 -23.04 -34.02
CA GLU C 125 9.29 -22.41 -35.30
C GLU C 125 10.62 -21.64 -35.30
N GLY C 126 11.43 -21.86 -34.27
CA GLY C 126 12.74 -21.23 -34.21
C GLY C 126 12.88 -19.79 -33.74
N PHE C 127 11.86 -19.23 -33.11
CA PHE C 127 11.93 -17.85 -32.63
C PHE C 127 12.57 -17.76 -31.24
N ILE C 128 13.13 -16.59 -30.93
CA ILE C 128 13.66 -16.33 -29.60
C ILE C 128 12.38 -15.76 -29.00
N VAL C 129 11.83 -16.44 -28.01
CA VAL C 129 10.55 -16.06 -27.43
C VAL C 129 10.52 -15.44 -26.04
N LEU C 130 9.80 -14.32 -25.92
CA LEU C 130 9.64 -13.60 -24.66
C LEU C 130 8.15 -13.35 -24.41
N PRO C 131 7.54 -14.17 -23.56
CA PRO C 131 6.11 -13.98 -23.29
C PRO C 131 5.73 -12.93 -22.27
N TYR C 132 4.72 -12.13 -22.62
CA TYR C 132 4.15 -11.13 -21.71
C TYR C 132 3.19 -11.98 -20.89
N THR C 133 3.25 -11.87 -19.57
CA THR C 133 2.38 -12.67 -18.72
C THR C 133 1.91 -11.86 -17.51
N SER C 134 1.09 -12.49 -16.66
CA SER C 134 0.58 -11.85 -15.45
C SER C 134 1.61 -12.06 -14.35
N ASP C 135 1.26 -11.72 -13.11
CA ASP C 135 2.16 -11.96 -12.00
C ASP C 135 1.81 -13.27 -11.30
N ASP C 136 1.15 -14.17 -12.02
CA ASP C 136 0.80 -15.49 -11.49
C ASP C 136 2.16 -16.16 -11.42
N VAL C 137 2.60 -16.46 -10.21
CA VAL C 137 3.91 -17.05 -9.98
C VAL C 137 4.19 -18.38 -10.64
N VAL C 138 3.33 -19.37 -10.44
CA VAL C 138 3.59 -20.65 -11.06
C VAL C 138 3.46 -20.59 -12.59
N LEU C 139 2.57 -19.72 -13.08
CA LEU C 139 2.39 -19.58 -14.52
C LEU C 139 3.71 -19.16 -15.14
N ALA C 140 4.40 -18.23 -14.50
CA ALA C 140 5.69 -17.74 -14.99
C ALA C 140 6.66 -18.90 -15.15
N ARG C 141 6.64 -19.82 -14.19
CA ARG C 141 7.53 -20.97 -14.27
C ARG C 141 7.10 -21.95 -15.38
N LYS C 142 5.79 -22.11 -15.58
CA LYS C 142 5.32 -23.01 -16.63
C LYS C 142 5.85 -22.48 -17.97
N LEU C 143 5.81 -21.17 -18.14
CA LEU C 143 6.30 -20.55 -19.37
C LEU C 143 7.80 -20.81 -19.52
N GLU C 144 8.56 -20.62 -18.46
CA GLU C 144 10.01 -20.87 -18.50
C GLU C 144 10.29 -22.30 -18.88
N GLU C 145 9.53 -23.23 -18.29
CA GLU C 145 9.73 -24.64 -18.52
C GLU C 145 9.41 -25.09 -19.95
N LEU C 146 8.81 -24.19 -20.73
CA LEU C 146 8.51 -24.48 -22.13
C LEU C 146 9.77 -24.20 -22.94
N GLY C 147 10.71 -23.47 -22.34
CA GLY C 147 11.95 -23.16 -23.02
C GLY C 147 12.07 -21.73 -23.54
N VAL C 148 11.23 -20.81 -23.04
CA VAL C 148 11.29 -19.42 -23.51
C VAL C 148 12.60 -18.78 -23.09
N HIS C 149 12.95 -17.65 -23.70
CA HIS C 149 14.21 -17.00 -23.40
C HIS C 149 14.18 -15.86 -22.39
N ALA C 150 12.97 -15.46 -22.00
CA ALA C 150 12.77 -14.42 -21.00
C ALA C 150 11.29 -14.45 -20.60
N ILE C 151 10.97 -13.92 -19.42
CA ILE C 151 9.58 -13.86 -18.99
C ILE C 151 9.30 -12.40 -18.69
N PRO C 153 6.51 -10.41 -16.89
CA PRO C 153 5.30 -10.22 -16.07
C PRO C 153 4.93 -8.75 -16.02
N GLY C 154 3.64 -8.46 -16.07
CA GLY C 154 3.21 -7.07 -16.01
C GLY C 154 3.18 -6.58 -14.57
N ALA C 155 3.58 -5.33 -14.37
CA ALA C 155 3.57 -4.73 -13.03
C ALA C 155 2.12 -4.53 -12.62
N SER C 156 1.33 -4.12 -13.60
CA SER C 156 -0.10 -3.88 -13.45
C SER C 156 -0.67 -3.93 -14.87
N PRO C 157 -2.00 -3.78 -15.01
CA PRO C 157 -2.60 -3.83 -16.36
C PRO C 157 -2.02 -2.78 -17.31
N ILE C 158 -1.98 -3.14 -18.59
CA ILE C 158 -1.47 -2.25 -19.63
C ILE C 158 -2.12 -0.87 -19.59
N GLY C 159 -1.28 0.17 -19.58
CA GLY C 159 -1.77 1.54 -19.55
C GLY C 159 -2.42 2.00 -18.26
N SER C 160 -2.32 1.20 -17.20
CA SER C 160 -2.94 1.59 -15.93
C SER C 160 -2.18 2.69 -15.22
N GLY C 161 -0.87 2.73 -15.41
CA GLY C 161 -0.03 3.73 -14.77
C GLY C 161 0.07 3.55 -13.27
N GLN C 162 -0.35 2.39 -12.77
CA GLN C 162 -0.31 2.15 -11.32
C GLN C 162 0.99 1.59 -10.77
N GLY C 163 1.91 1.19 -11.64
CA GLY C 163 3.17 0.64 -11.17
C GLY C 163 3.01 -0.81 -10.73
N ILE C 164 3.88 -1.27 -9.85
CA ILE C 164 3.81 -2.65 -9.40
C ILE C 164 2.79 -2.86 -8.29
N LEU C 165 1.74 -3.62 -8.60
CA LEU C 165 0.67 -3.88 -7.65
C LEU C 165 0.90 -5.04 -6.69
N ASN C 166 1.73 -5.99 -7.10
CA ASN C 166 2.01 -7.15 -6.24
C ASN C 166 3.51 -7.45 -6.23
N PRO C 167 4.30 -6.65 -5.49
CA PRO C 167 5.74 -6.86 -5.41
C PRO C 167 6.12 -8.22 -4.87
N LEU C 168 5.30 -8.78 -3.98
CA LEU C 168 5.59 -10.09 -3.42
C LEU C 168 5.63 -11.11 -4.54
N ASN C 169 4.57 -11.14 -5.35
CA ASN C 169 4.52 -12.09 -6.46
C ASN C 169 5.68 -11.87 -7.44
N LEU C 170 5.96 -10.62 -7.76
CA LEU C 170 7.06 -10.34 -8.67
C LEU C 170 8.37 -10.85 -8.06
N SER C 171 8.51 -10.69 -6.75
CA SER C 171 9.70 -11.17 -6.05
C SER C 171 9.87 -12.67 -6.22
N PHE C 172 8.77 -13.42 -6.11
CA PHE C 172 8.85 -14.87 -6.28
C PHE C 172 9.26 -15.22 -7.71
N ILE C 173 8.66 -14.53 -8.67
CA ILE C 173 8.96 -14.77 -10.08
C ILE C 173 10.42 -14.52 -10.38
N ILE C 174 10.97 -13.44 -9.84
CA ILE C 174 12.37 -13.13 -10.11
C ILE C 174 13.31 -14.11 -9.41
N GLU C 175 13.01 -14.45 -8.16
CA GLU C 175 13.87 -15.36 -7.42
C GLU C 175 13.88 -16.81 -7.91
N GLN C 176 12.82 -17.23 -8.61
CA GLN C 176 12.77 -18.60 -9.12
C GLN C 176 13.26 -18.71 -10.56
N ALA C 177 13.29 -17.58 -11.28
CA ALA C 177 13.67 -17.59 -12.68
C ALA C 177 15.06 -18.10 -13.06
N LYS C 178 15.14 -18.72 -14.24
CA LYS C 178 16.39 -19.24 -14.79
C LYS C 178 16.72 -18.45 -16.05
N VAL C 179 15.79 -17.59 -16.45
CA VAL C 179 15.97 -16.75 -17.63
C VAL C 179 15.71 -15.31 -17.15
N PRO C 180 16.08 -14.31 -17.95
CA PRO C 180 15.86 -12.91 -17.56
C PRO C 180 14.39 -12.59 -17.33
N VAL C 181 14.14 -11.73 -16.34
CA VAL C 181 12.79 -11.31 -16.02
C VAL C 181 12.72 -9.80 -16.25
N ILE C 182 11.84 -9.39 -17.16
CA ILE C 182 11.69 -7.97 -17.44
C ILE C 182 10.25 -7.55 -17.16
N VAL C 183 10.12 -6.61 -16.23
CA VAL C 183 8.80 -6.11 -15.87
C VAL C 183 8.29 -5.32 -17.05
N ASP C 184 7.12 -5.70 -17.53
CA ASP C 184 6.54 -5.10 -18.72
C ASP C 184 5.24 -4.33 -18.53
N ALA C 185 5.27 -3.05 -18.89
CA ALA C 185 4.10 -2.17 -18.81
C ALA C 185 3.43 -2.06 -17.44
N GLY C 186 2.46 -1.16 -17.36
CA GLY C 186 1.76 -0.93 -16.11
C GLY C 186 2.55 0.13 -15.35
N ILE C 187 3.75 0.42 -15.85
CA ILE C 187 4.63 1.41 -15.25
C ILE C 187 4.04 2.80 -15.47
N GLY C 188 4.23 3.68 -14.50
CA GLY C 188 3.69 5.03 -14.62
C GLY C 188 4.71 6.13 -14.46
N SER C 189 5.77 5.85 -13.69
CA SER C 189 6.80 6.86 -13.43
C SER C 189 8.11 6.20 -13.00
N PRO C 190 9.19 6.99 -12.91
CA PRO C 190 10.50 6.48 -12.51
C PRO C 190 10.49 5.65 -11.22
N LYS C 191 9.67 6.02 -10.25
CA LYS C 191 9.63 5.26 -9.00
C LYS C 191 9.29 3.80 -9.23
N ASP C 192 8.43 3.54 -10.21
CA ASP C 192 8.03 2.18 -10.52
C ASP C 192 9.13 1.41 -11.25
N ALA C 193 9.77 2.07 -12.21
CA ALA C 193 10.85 1.44 -12.95
C ALA C 193 11.99 1.12 -11.98
N ALA C 194 12.29 2.06 -11.09
CA ALA C 194 13.35 1.85 -10.10
C ALA C 194 13.02 0.66 -9.18
N TYR C 195 11.78 0.61 -8.71
CA TYR C 195 11.35 -0.46 -7.81
C TYR C 195 11.52 -1.82 -8.49
N ALA C 196 11.11 -1.92 -9.75
CA ALA C 196 11.23 -3.17 -10.50
C ALA C 196 12.68 -3.68 -10.45
N GLU C 198 14.97 -2.67 -8.26
CA GLU C 198 15.34 -2.89 -6.86
C GLU C 198 14.92 -4.30 -6.41
N LEU C 199 13.87 -4.83 -7.02
CA LEU C 199 13.40 -6.17 -6.67
C LEU C 199 14.26 -7.23 -7.36
N GLY C 200 15.14 -6.79 -8.24
CA GLY C 200 16.02 -7.72 -8.92
C GLY C 200 15.68 -8.05 -10.36
N ALA C 201 14.78 -7.29 -10.98
CA ALA C 201 14.43 -7.56 -12.36
C ALA C 201 15.65 -7.30 -13.24
N ASP C 202 15.72 -7.99 -14.37
CA ASP C 202 16.85 -7.81 -15.27
C ASP C 202 16.63 -6.63 -16.19
N GLY C 203 15.38 -6.17 -16.24
CA GLY C 203 15.06 -5.04 -17.09
C GLY C 203 13.60 -4.64 -17.00
N VAL C 204 13.26 -3.52 -17.65
CA VAL C 204 11.91 -3.00 -17.65
C VAL C 204 11.55 -2.63 -19.09
N LEU C 205 10.31 -2.88 -19.47
CA LEU C 205 9.83 -2.54 -20.80
C LEU C 205 8.69 -1.54 -20.62
N LEU C 206 8.78 -0.41 -21.28
CA LEU C 206 7.71 0.57 -21.15
C LEU C 206 7.39 1.23 -22.47
N ASN C 207 6.26 1.90 -22.51
CA ASN C 207 5.81 2.56 -23.72
C ASN C 207 5.05 3.84 -23.46
N THR C 208 3.77 3.73 -23.13
CA THR C 208 2.94 4.90 -22.91
C THR C 208 3.34 5.80 -21.74
N ALA C 209 4.01 5.25 -20.73
CA ALA C 209 4.43 6.08 -19.60
C ALA C 209 5.39 7.15 -20.15
N VAL C 210 6.03 6.83 -21.26
CA VAL C 210 6.95 7.77 -21.90
C VAL C 210 6.28 8.47 -23.07
N SER C 211 5.74 7.70 -23.99
CA SER C 211 5.08 8.26 -25.16
C SER C 211 3.85 9.10 -24.81
N GLY C 212 3.24 8.80 -23.67
CA GLY C 212 2.06 9.54 -23.26
C GLY C 212 2.29 10.71 -22.33
N ALA C 213 3.54 10.96 -21.95
CA ALA C 213 3.81 12.08 -21.07
C ALA C 213 3.72 13.39 -21.83
N ASP C 214 3.56 14.50 -21.11
CA ASP C 214 3.48 15.80 -21.77
C ASP C 214 4.79 16.05 -22.51
N ASP C 215 5.89 15.59 -21.93
CA ASP C 215 7.22 15.74 -22.52
C ASP C 215 7.85 14.36 -22.63
N PRO C 216 7.55 13.62 -23.71
CA PRO C 216 8.10 12.27 -23.91
C PRO C 216 9.63 12.19 -23.87
N VAL C 217 10.31 13.16 -24.47
CA VAL C 217 11.76 13.14 -24.47
C VAL C 217 12.33 13.21 -23.07
N LYS C 218 11.81 14.13 -22.26
CA LYS C 218 12.30 14.27 -20.89
C LYS C 218 11.95 13.03 -20.06
N ALA C 220 11.63 10.00 -21.18
CA ALA C 220 12.47 8.92 -21.65
C ALA C 220 13.80 9.01 -20.90
N ARG C 221 14.31 10.23 -20.74
CA ARG C 221 15.54 10.42 -20.00
C ARG C 221 15.36 10.01 -18.55
N ALA C 222 14.21 10.38 -17.97
CA ALA C 222 13.91 10.06 -16.58
C ALA C 222 13.89 8.55 -16.36
N LYS C 224 15.42 6.28 -18.21
CA LYS C 224 16.76 5.76 -18.39
C LYS C 224 17.48 5.82 -17.04
N LEU C 225 17.41 7.00 -16.42
CA LEU C 225 18.05 7.22 -15.12
C LEU C 225 17.45 6.35 -14.01
N ALA C 226 16.13 6.18 -14.04
CA ALA C 226 15.45 5.38 -13.03
C ALA C 226 15.88 3.92 -13.08
N VAL C 227 15.94 3.36 -14.29
CA VAL C 227 16.35 1.96 -14.43
C VAL C 227 17.79 1.79 -13.96
N GLU C 228 18.63 2.77 -14.28
CA GLU C 228 20.01 2.72 -13.84
C GLU C 228 20.08 2.81 -12.32
N ALA C 229 19.35 3.77 -11.75
CA ALA C 229 19.35 3.94 -10.29
C ALA C 229 18.86 2.70 -9.56
N GLY C 230 17.76 2.14 -10.03
CA GLY C 230 17.20 0.94 -9.40
C GLY C 230 18.18 -0.22 -9.44
N ARG C 231 18.84 -0.41 -10.57
CA ARG C 231 19.82 -1.49 -10.71
C ARG C 231 21.00 -1.28 -9.77
N LEU C 232 21.51 -0.06 -9.72
CA LEU C 232 22.64 0.26 -8.84
C LEU C 232 22.27 -0.05 -7.39
N SER C 233 21.05 0.29 -7.01
CA SER C 233 20.59 0.04 -5.64
C SER C 233 20.54 -1.45 -5.35
N TYR C 234 20.03 -2.21 -6.32
CA TYR C 234 19.94 -3.65 -6.14
C TYR C 234 21.33 -4.21 -5.84
N GLU C 235 22.32 -3.76 -6.60
CA GLU C 235 23.70 -4.20 -6.44
C GLU C 235 24.37 -3.65 -5.17
N ALA C 236 24.02 -2.43 -4.81
CA ALA C 236 24.62 -1.77 -3.66
C ALA C 236 24.22 -2.30 -2.28
N GLY C 237 23.14 -3.08 -2.22
CA GLY C 237 22.69 -3.63 -0.94
C GLY C 237 22.03 -2.61 -0.03
N ARG C 238 20.76 -2.30 -0.29
CA ARG C 238 20.03 -1.32 0.49
C ARG C 238 19.84 -1.69 1.96
N ILE C 239 19.57 -0.69 2.78
CA ILE C 239 19.36 -0.90 4.20
C ILE C 239 18.08 -1.66 4.46
N PRO C 240 18.03 -2.39 5.58
CA PRO C 240 16.83 -3.17 5.92
C PRO C 240 15.69 -2.28 6.43
N LEU C 241 14.55 -2.91 6.67
CA LEU C 241 13.38 -2.23 7.18
C LEU C 241 13.46 -2.34 8.70
N LYS C 242 13.49 -1.20 9.38
CA LYS C 242 13.57 -1.22 10.84
C LYS C 242 12.28 -1.81 11.39
N GLN C 243 12.41 -2.67 12.40
CA GLN C 243 11.23 -3.28 13.01
C GLN C 243 10.99 -2.64 14.38
N TYR C 244 9.80 -2.07 14.54
CA TYR C 244 9.45 -1.42 15.79
C TYR C 244 8.62 -2.33 16.69
N GLY C 245 8.14 -3.43 16.13
CA GLY C 245 7.35 -4.37 16.90
C GLY C 245 5.99 -3.83 17.30
N THR C 246 5.37 -3.04 16.43
CA THR C 246 4.06 -2.48 16.70
C THR C 246 2.98 -3.41 16.14
N ALA C 247 1.73 -3.15 16.53
CA ALA C 247 0.60 -3.96 16.08
C ALA C 247 0.42 -3.88 14.57
N SER C 248 0.96 -2.81 13.96
CA SER C 248 0.83 -2.66 12.51
C SER C 248 1.74 -3.63 11.79
N SER C 249 2.47 -4.44 12.56
CA SER C 249 3.39 -5.43 12.02
C SER C 249 3.25 -6.75 12.77
N PRO C 250 2.13 -7.47 12.58
CA PRO C 250 1.94 -8.74 13.29
C PRO C 250 2.93 -9.84 12.93
N SER D 2 14.29 24.89 -13.49
CA SER D 2 14.29 25.24 -12.04
C SER D 2 15.61 24.88 -11.37
N LEU D 4 17.17 24.52 -7.09
CA LEU D 4 16.91 24.64 -5.66
C LEU D 4 17.47 25.93 -5.10
N THR D 5 16.62 26.72 -4.45
CA THR D 5 17.03 28.00 -3.88
C THR D 5 16.53 28.08 -2.44
N ILE D 6 17.46 28.33 -1.51
CA ILE D 6 17.12 28.43 -0.10
C ILE D 6 17.81 29.65 0.48
N GLY D 7 17.04 30.52 1.12
CA GLY D 7 17.62 31.71 1.71
C GLY D 7 18.31 32.53 0.64
N GLY D 8 17.76 32.51 -0.58
CA GLY D 8 18.33 33.27 -1.67
C GLY D 8 19.52 32.62 -2.37
N LYS D 9 20.03 31.52 -1.82
CA LYS D 9 21.16 30.84 -2.42
C LYS D 9 20.71 29.66 -3.28
N SER D 10 21.30 29.51 -4.45
CA SER D 10 20.92 28.42 -5.35
C SER D 10 21.92 27.26 -5.33
N PHE D 11 21.41 26.08 -5.64
CA PHE D 11 22.21 24.86 -5.66
C PHE D 11 21.86 24.07 -6.91
N GLN D 12 22.87 23.54 -7.59
CA GLN D 12 22.64 22.78 -8.79
C GLN D 12 22.06 21.40 -8.48
N SER D 13 22.40 20.86 -7.31
CA SER D 13 21.90 19.54 -6.91
C SER D 13 20.78 19.62 -5.87
N ARG D 14 19.73 18.83 -6.09
CA ARG D 14 18.59 18.83 -5.17
C ARG D 14 18.71 17.71 -4.14
N LEU D 15 19.90 17.13 -4.07
CA LEU D 15 20.17 16.04 -3.14
C LEU D 15 21.07 16.50 -1.99
N LEU D 16 20.52 16.50 -0.78
CA LEU D 16 21.26 16.88 0.42
C LEU D 16 21.75 15.59 1.09
N LEU D 17 23.02 15.58 1.48
CA LEU D 17 23.61 14.38 2.06
C LEU D 17 24.18 14.53 3.46
N GLY D 18 23.93 13.51 4.28
CA GLY D 18 24.44 13.52 5.64
C GLY D 18 25.85 12.94 5.69
N THR D 19 26.61 13.33 6.71
CA THR D 19 27.98 12.84 6.86
C THR D 19 28.17 12.33 8.29
N GLY D 20 29.22 11.56 8.51
CA GLY D 20 29.48 11.07 9.84
C GLY D 20 29.25 9.59 10.16
N LYS D 21 28.45 8.90 9.35
CA LYS D 21 28.19 7.48 9.63
C LYS D 21 28.69 6.52 8.56
N TYR D 22 29.61 6.98 7.71
CA TYR D 22 30.16 6.13 6.66
C TYR D 22 31.19 5.18 7.25
N PRO D 23 31.52 4.10 6.52
CA PRO D 23 32.50 3.13 7.00
C PRO D 23 33.89 3.71 7.21
N SER D 24 34.24 4.73 6.42
CA SER D 24 35.54 5.37 6.52
C SER D 24 35.48 6.73 5.85
N PHE D 25 36.51 7.56 6.07
CA PHE D 25 36.54 8.89 5.48
C PHE D 25 36.80 8.85 3.98
N ASP D 26 37.51 7.82 3.52
CA ASP D 26 37.79 7.71 2.09
C ASP D 26 36.47 7.43 1.37
N ILE D 27 35.69 6.51 1.92
CA ILE D 27 34.41 6.15 1.34
C ILE D 27 33.45 7.34 1.39
N GLN D 28 33.41 8.01 2.54
CA GLN D 28 32.55 9.18 2.67
C GLN D 28 32.91 10.21 1.62
N LYS D 29 34.20 10.49 1.46
CA LYS D 29 34.64 11.47 0.48
C LYS D 29 34.23 11.09 -0.93
N GLU D 30 34.39 9.83 -1.29
CA GLU D 30 34.03 9.40 -2.63
C GLU D 30 32.50 9.42 -2.82
N ALA D 31 31.76 9.00 -1.81
CA ALA D 31 30.31 8.98 -1.87
C ALA D 31 29.78 10.40 -2.06
N VAL D 32 30.30 11.34 -1.28
CA VAL D 32 29.88 12.73 -1.40
C VAL D 32 30.18 13.25 -2.81
N ALA D 33 31.37 12.95 -3.31
CA ALA D 33 31.76 13.40 -4.66
C ALA D 33 30.84 12.85 -5.75
N VAL D 34 30.64 11.54 -5.79
CA VAL D 34 29.80 10.95 -6.81
C VAL D 34 28.33 11.36 -6.69
N SER D 35 27.91 11.76 -5.50
CA SER D 35 26.52 12.16 -5.29
C SER D 35 26.24 13.50 -5.95
N GLU D 36 27.30 14.29 -6.12
CA GLU D 36 27.21 15.62 -6.71
C GLU D 36 26.43 16.59 -5.82
N SER D 37 26.19 16.20 -4.58
CA SER D 37 25.47 17.06 -3.64
C SER D 37 26.24 18.35 -3.38
N ASP D 38 25.51 19.42 -3.07
CA ASP D 38 26.09 20.73 -2.79
C ASP D 38 25.93 21.10 -1.31
N ILE D 39 25.01 20.42 -0.63
CA ILE D 39 24.72 20.70 0.77
C ILE D 39 24.96 19.45 1.63
N LEU D 40 25.80 19.59 2.65
CA LEU D 40 26.10 18.47 3.54
C LEU D 40 25.61 18.76 4.95
N THR D 41 25.00 17.77 5.59
CA THR D 41 24.53 17.96 6.95
C THR D 41 25.34 17.06 7.89
N PHE D 42 25.39 17.44 9.16
CA PHE D 42 26.16 16.69 10.14
C PHE D 42 25.71 17.05 11.55
N ALA D 43 25.67 16.04 12.42
CA ALA D 43 25.25 16.23 13.81
C ALA D 43 26.38 16.79 14.67
N VAL D 44 26.37 18.11 14.81
CA VAL D 44 27.38 18.82 15.60
C VAL D 44 27.55 18.24 17.01
N ARG D 45 26.44 17.76 17.59
CA ARG D 45 26.46 17.18 18.92
C ARG D 45 27.42 15.99 19.06
N ARG D 46 27.62 15.26 17.97
CA ARG D 46 28.48 14.10 17.99
C ARG D 46 29.87 14.37 17.42
N ASN D 48 33.77 16.59 17.29
CA ASN D 48 34.87 17.03 18.14
C ASN D 48 34.65 18.39 18.78
N ILE D 49 33.86 19.25 18.15
CA ILE D 49 33.61 20.57 18.68
C ILE D 49 32.76 20.64 19.96
N PHE D 50 32.96 19.67 20.86
CA PHE D 50 32.26 19.61 22.15
C PHE D 50 33.30 19.42 23.26
N GLU D 51 32.91 18.82 24.38
CA GLU D 51 33.87 18.61 25.48
C GLU D 51 34.94 17.59 25.09
N ALA D 52 34.59 16.31 25.12
CA ALA D 52 35.52 15.25 24.76
C ALA D 52 35.75 15.29 23.26
N SER D 53 36.93 14.87 22.82
CA SER D 53 37.23 14.87 21.41
C SER D 53 36.53 13.76 20.67
N GLN D 54 35.40 14.09 20.06
CA GLN D 54 34.65 13.11 19.29
C GLN D 54 35.25 13.27 17.90
N PRO D 55 34.87 12.42 16.94
CA PRO D 55 35.48 12.59 15.62
C PRO D 55 35.01 13.81 14.84
N ASN D 56 35.81 14.19 13.85
CA ASN D 56 35.48 15.31 12.98
C ASN D 56 34.87 14.68 11.74
N PHE D 57 33.54 14.61 11.72
CA PHE D 57 32.82 14.02 10.60
C PHE D 57 33.20 14.60 9.25
N LEU D 58 33.71 15.82 9.23
CA LEU D 58 34.07 16.46 7.97
C LEU D 58 35.52 16.31 7.55
N GLU D 59 36.22 15.38 8.19
CA GLU D 59 37.63 15.14 7.87
C GLU D 59 37.80 14.70 6.41
N GLN D 60 38.84 15.26 5.78
CA GLN D 60 39.19 14.96 4.39
C GLN D 60 38.33 15.65 3.33
N LEU D 61 37.33 16.41 3.75
CA LEU D 61 36.48 17.11 2.79
C LEU D 61 36.96 18.54 2.53
N ASP D 62 36.91 18.95 1.27
CA ASP D 62 37.28 20.30 0.86
C ASP D 62 35.96 21.08 1.03
N LEU D 63 35.80 21.72 2.18
CA LEU D 63 34.57 22.45 2.48
C LEU D 63 34.25 23.66 1.60
N SER D 64 35.20 24.10 0.80
CA SER D 64 34.95 25.25 -0.06
C SER D 64 34.04 24.82 -1.20
N LYS D 65 33.82 23.51 -1.32
CA LYS D 65 32.98 22.99 -2.37
C LYS D 65 31.55 22.70 -1.92
N TYR D 66 31.26 22.98 -0.66
CA TYR D 66 29.92 22.70 -0.12
C TYR D 66 29.34 23.79 0.75
N THR D 67 28.01 23.77 0.87
CA THR D 67 27.29 24.69 1.73
C THR D 67 27.03 23.81 2.95
N LEU D 68 27.34 24.32 4.14
CA LEU D 68 27.17 23.53 5.36
C LEU D 68 25.85 23.69 6.09
N LEU D 69 25.20 22.56 6.34
CA LEU D 69 23.92 22.53 7.05
C LEU D 69 24.06 21.69 8.32
N PRO D 70 24.69 22.24 9.36
CA PRO D 70 24.82 21.48 10.59
C PRO D 70 23.42 21.19 11.13
N ASN D 71 23.23 20.05 11.80
CA ASN D 71 21.91 19.76 12.36
C ASN D 71 22.01 19.61 13.89
N THR D 72 20.86 19.71 14.55
CA THR D 72 20.84 19.62 16.00
C THR D 72 20.43 18.26 16.53
N ALA D 73 20.68 17.21 15.76
CA ALA D 73 20.34 15.87 16.20
C ALA D 73 20.97 15.63 17.57
N GLY D 74 20.18 15.07 18.48
CA GLY D 74 20.67 14.83 19.82
C GLY D 74 20.01 15.77 20.81
N ALA D 75 19.43 16.85 20.29
CA ALA D 75 18.76 17.82 21.14
C ALA D 75 17.39 17.26 21.57
N SER D 76 17.04 17.45 22.84
CA SER D 76 15.77 16.97 23.37
C SER D 76 14.82 18.14 23.63
N THR D 77 15.38 19.34 23.65
CA THR D 77 14.60 20.55 23.89
C THR D 77 15.07 21.67 22.94
N ALA D 78 14.25 22.70 22.82
CA ALA D 78 14.59 23.84 21.96
C ALA D 78 15.87 24.49 22.48
N GLU D 79 16.01 24.54 23.80
CA GLU D 79 17.18 25.14 24.41
C GLU D 79 18.46 24.45 23.96
N GLU D 80 18.47 23.12 24.00
CA GLU D 80 19.64 22.36 23.59
C GLU D 80 19.91 22.53 22.11
N ALA D 81 18.85 22.62 21.31
CA ALA D 81 19.03 22.80 19.86
C ALA D 81 19.67 24.16 19.57
N VAL D 82 19.22 25.19 20.28
CA VAL D 82 19.78 26.53 20.08
C VAL D 82 21.27 26.54 20.44
N ARG D 83 21.62 25.88 21.54
CA ARG D 83 23.02 25.83 21.97
C ARG D 83 23.89 25.13 20.93
N ILE D 84 23.37 24.05 20.35
CA ILE D 84 24.12 23.30 19.34
C ILE D 84 24.32 24.15 18.09
N ALA D 85 23.29 24.89 17.72
CA ALA D 85 23.37 25.75 16.54
C ALA D 85 24.37 26.86 16.78
N ARG D 86 24.36 27.43 17.97
CA ARG D 86 25.29 28.51 18.30
C ARG D 86 26.72 28.00 18.22
N LEU D 87 26.92 26.77 18.67
CA LEU D 87 28.23 26.14 18.65
C LEU D 87 28.72 26.02 17.21
N ALA D 88 27.89 25.47 16.33
CA ALA D 88 28.25 25.31 14.92
C ALA D 88 28.64 26.65 14.31
N LYS D 89 27.85 27.68 14.60
CA LYS D 89 28.10 29.02 14.09
C LYS D 89 29.46 29.56 14.55
N ALA D 90 29.74 29.40 15.84
CA ALA D 90 30.99 29.88 16.43
C ALA D 90 32.20 29.11 15.89
N SER D 91 31.96 27.88 15.46
CA SER D 91 33.04 27.05 14.92
C SER D 91 33.27 27.29 13.45
N GLY D 92 32.50 28.22 12.87
CA GLY D 92 32.65 28.53 11.46
C GLY D 92 32.16 27.45 10.53
N LEU D 93 31.27 26.60 11.02
CA LEU D 93 30.72 25.51 10.23
C LEU D 93 29.20 25.61 10.07
N CYS D 94 28.70 26.80 9.75
CA CYS D 94 27.26 26.96 9.61
C CYS D 94 26.82 27.99 8.59
N ASP D 95 26.22 27.51 7.49
CA ASP D 95 25.71 28.39 6.46
C ASP D 95 24.19 28.46 6.65
N ILE D 97 20.99 26.25 9.29
CA ILE D 97 20.85 25.29 10.37
C ILE D 97 19.64 24.37 10.24
N LYS D 98 19.86 23.07 10.41
CA LYS D 98 18.77 22.10 10.36
C LYS D 98 18.33 21.86 11.80
N VAL D 99 17.12 22.32 12.11
CA VAL D 99 16.57 22.18 13.45
C VAL D 99 15.89 20.84 13.61
N GLU D 100 16.46 20.00 14.48
CA GLU D 100 15.92 18.68 14.74
C GLU D 100 15.78 18.44 16.24
N VAL D 101 14.55 18.29 16.71
CA VAL D 101 14.31 18.02 18.11
C VAL D 101 13.45 16.77 18.20
N ILE D 102 14.08 15.64 18.46
CA ILE D 102 13.38 14.37 18.56
C ILE D 102 12.64 14.29 19.89
N GLY D 103 11.38 13.88 19.83
CA GLY D 103 10.57 13.79 21.03
C GLY D 103 10.16 12.39 21.44
N CYS D 104 10.59 11.38 20.70
CA CYS D 104 10.26 9.99 21.00
C CYS D 104 11.49 9.13 20.79
N SER D 105 11.96 8.49 21.86
CA SER D 105 13.15 7.65 21.78
C SER D 105 12.90 6.37 20.98
N ARG D 106 11.63 5.96 20.89
CA ARG D 106 11.29 4.74 20.16
C ARG D 106 11.20 5.00 18.66
N SER D 107 10.30 5.89 18.27
CA SER D 107 10.08 6.21 16.86
C SER D 107 11.06 7.25 16.32
N LEU D 108 11.66 8.04 17.22
CA LEU D 108 12.59 9.09 16.84
C LEU D 108 11.87 10.21 16.10
N LEU D 109 10.54 10.25 16.23
CA LEU D 109 9.77 11.30 15.57
C LEU D 109 9.98 12.64 16.28
N PRO D 110 9.85 13.75 15.53
CA PRO D 110 10.06 15.11 16.07
C PRO D 110 9.00 15.66 17.02
N ASP D 111 9.47 16.53 17.92
CA ASP D 111 8.61 17.18 18.91
C ASP D 111 8.14 18.48 18.24
N PRO D 112 6.85 18.57 17.91
CA PRO D 112 6.33 19.77 17.26
C PRO D 112 6.44 21.07 18.07
N VAL D 113 6.21 20.99 19.37
CA VAL D 113 6.28 22.19 20.21
C VAL D 113 7.71 22.72 20.31
N GLU D 114 8.65 21.84 20.62
CA GLU D 114 10.05 22.24 20.74
C GLU D 114 10.63 22.68 19.39
N THR D 115 10.16 22.08 18.30
CA THR D 115 10.65 22.43 16.97
C THR D 115 10.17 23.83 16.60
N LEU D 116 8.92 24.13 16.95
CA LEU D 116 8.35 25.45 16.69
C LEU D 116 9.14 26.49 17.48
N LYS D 117 9.41 26.18 18.75
CA LYS D 117 10.13 27.08 19.64
C LYS D 117 11.57 27.33 19.18
N ALA D 118 12.31 26.25 18.92
CA ALA D 118 13.69 26.38 18.48
C ALA D 118 13.80 27.16 17.17
N SER D 119 12.89 26.89 16.24
CA SER D 119 12.92 27.59 14.95
C SER D 119 12.76 29.09 15.12
N GLU D 120 11.82 29.49 15.97
CA GLU D 120 11.58 30.92 16.21
C GLU D 120 12.78 31.58 16.88
N GLN D 121 13.38 30.88 17.84
CA GLN D 121 14.54 31.42 18.54
C GLN D 121 15.73 31.60 17.59
N LEU D 122 16.00 30.59 16.77
CA LEU D 122 17.12 30.69 15.84
C LEU D 122 16.91 31.75 14.76
N LEU D 123 15.67 31.97 14.34
CA LEU D 123 15.39 32.99 13.36
C LEU D 123 15.65 34.36 13.99
N GLU D 124 15.33 34.50 15.26
CA GLU D 124 15.55 35.74 15.98
C GLU D 124 17.05 36.01 16.07
N GLU D 125 17.82 34.93 16.19
CA GLU D 125 19.27 35.05 16.28
C GLU D 125 20.01 35.15 14.95
N GLY D 126 19.25 35.36 13.87
CA GLY D 126 19.85 35.54 12.56
C GLY D 126 20.18 34.35 11.67
N PHE D 127 19.80 33.14 12.08
CA PHE D 127 20.11 31.96 11.26
C PHE D 127 19.14 31.76 10.09
N ILE D 128 19.59 30.99 9.09
CA ILE D 128 18.76 30.61 7.95
C ILE D 128 18.29 29.29 8.55
N VAL D 129 16.99 29.15 8.74
CA VAL D 129 16.43 27.98 9.41
C VAL D 129 15.60 26.99 8.60
N LEU D 130 15.95 25.70 8.74
CA LEU D 130 15.24 24.62 8.05
C LEU D 130 14.83 23.57 9.09
N PRO D 131 13.57 23.59 9.52
CA PRO D 131 13.14 22.60 10.50
C PRO D 131 12.74 21.22 9.97
N TYR D 132 13.19 20.20 10.68
CA TYR D 132 12.83 18.82 10.37
C TYR D 132 11.50 18.72 11.07
N THR D 133 10.50 18.15 10.40
CA THR D 133 9.18 18.05 11.00
C THR D 133 8.49 16.75 10.56
N SER D 134 7.28 16.53 11.08
CA SER D 134 6.50 15.34 10.74
C SER D 134 5.74 15.63 9.45
N ASP D 135 4.79 14.77 9.10
CA ASP D 135 4.00 15.03 7.92
C ASP D 135 2.65 15.62 8.32
N ASP D 136 2.61 16.24 9.49
CA ASP D 136 1.41 16.91 9.98
C ASP D 136 1.33 18.13 9.08
N VAL D 137 0.29 18.17 8.26
CA VAL D 137 0.10 19.24 7.29
C VAL D 137 0.02 20.66 7.84
N VAL D 138 -0.88 20.93 8.79
CA VAL D 138 -0.98 22.28 9.31
C VAL D 138 0.28 22.69 10.08
N LEU D 139 0.92 21.72 10.74
CA LEU D 139 2.14 22.01 11.47
C LEU D 139 3.19 22.59 10.53
N ALA D 140 3.27 22.01 9.33
CA ALA D 140 4.23 22.46 8.34
C ALA D 140 3.98 23.94 8.01
N ARG D 141 2.71 24.32 7.91
CA ARG D 141 2.37 25.71 7.62
C ARG D 141 2.69 26.62 8.81
N LYS D 142 2.48 26.12 10.03
CA LYS D 142 2.78 26.91 11.22
C LYS D 142 4.27 27.24 11.24
N LEU D 143 5.10 26.27 10.86
CA LEU D 143 6.55 26.48 10.82
C LEU D 143 6.88 27.52 9.74
N GLU D 144 6.27 27.37 8.56
CA GLU D 144 6.50 28.32 7.48
C GLU D 144 6.13 29.73 7.95
N GLU D 145 4.99 29.83 8.62
CA GLU D 145 4.49 31.11 9.09
C GLU D 145 5.35 31.79 10.16
N LEU D 146 6.34 31.06 10.68
CA LEU D 146 7.25 31.64 11.66
C LEU D 146 8.35 32.36 10.86
N GLY D 147 8.42 32.05 9.57
CA GLY D 147 9.42 32.66 8.71
C GLY D 147 10.64 31.80 8.37
N VAL D 148 10.53 30.48 8.54
CA VAL D 148 11.66 29.60 8.23
C VAL D 148 11.97 29.65 6.74
N HIS D 149 13.13 29.15 6.33
CA HIS D 149 13.52 29.23 4.93
C HIS D 149 13.27 27.99 4.11
N ALA D 150 12.86 26.93 4.78
CA ALA D 150 12.53 25.67 4.14
C ALA D 150 11.86 24.78 5.18
N ILE D 151 11.09 23.80 4.73
CA ILE D 151 10.43 22.87 5.65
C ILE D 151 10.90 21.48 5.24
N PRO D 153 9.81 17.83 6.02
CA PRO D 153 8.98 16.76 6.55
C PRO D 153 9.62 15.41 6.27
N GLY D 154 9.54 14.50 7.24
CA GLY D 154 10.12 13.19 7.06
C GLY D 154 9.18 12.29 6.27
N ALA D 155 9.75 11.41 5.47
CA ALA D 155 8.96 10.47 4.67
C ALA D 155 8.37 9.44 5.61
N SER D 156 9.18 9.07 6.60
CA SER D 156 8.84 8.11 7.62
C SER D 156 9.83 8.33 8.76
N PRO D 157 9.72 7.58 9.86
CA PRO D 157 10.67 7.77 10.97
C PRO D 157 12.13 7.58 10.56
N ILE D 158 13.01 8.34 11.18
CA ILE D 158 14.44 8.26 10.89
C ILE D 158 14.96 6.83 10.93
N GLY D 159 15.71 6.45 9.90
CA GLY D 159 16.29 5.12 9.81
C GLY D 159 15.33 3.96 9.61
N SER D 160 14.07 4.25 9.29
CA SER D 160 13.09 3.18 9.11
C SER D 160 13.22 2.45 7.79
N GLY D 161 13.75 3.15 6.78
CA GLY D 161 13.91 2.57 5.45
C GLY D 161 12.60 2.31 4.75
N GLN D 162 11.51 2.82 5.35
CA GLN D 162 10.16 2.63 4.83
C GLN D 162 9.76 3.48 3.63
N GLY D 163 10.45 4.60 3.43
CA GLY D 163 10.09 5.47 2.33
C GLY D 163 8.94 6.36 2.76
N ILE D 164 8.18 6.89 1.80
CA ILE D 164 7.06 7.78 2.13
C ILE D 164 5.81 7.02 2.56
N LEU D 165 5.43 7.18 3.82
CA LEU D 165 4.26 6.49 4.36
C LEU D 165 2.93 7.18 4.11
N ASN D 166 2.96 8.50 3.96
CA ASN D 166 1.72 9.24 3.73
C ASN D 166 1.90 10.23 2.60
N PRO D 167 1.90 9.75 1.35
CA PRO D 167 2.07 10.64 0.19
C PRO D 167 1.00 11.74 0.11
N LEU D 168 -0.21 11.43 0.58
CA LEU D 168 -1.27 12.43 0.55
C LEU D 168 -0.88 13.64 1.40
N ASN D 169 -0.50 13.40 2.65
CA ASN D 169 -0.09 14.49 3.53
C ASN D 169 1.08 15.26 2.92
N LEU D 170 2.05 14.53 2.41
CA LEU D 170 3.20 15.18 1.80
C LEU D 170 2.75 16.06 0.64
N SER D 171 1.79 15.57 -0.15
CA SER D 171 1.27 16.34 -1.27
C SER D 171 0.68 17.67 -0.81
N PHE D 172 -0.09 17.64 0.28
CA PHE D 172 -0.68 18.87 0.79
C PHE D 172 0.39 19.84 1.27
N ILE D 173 1.44 19.31 1.90
CA ILE D 173 2.51 20.13 2.41
C ILE D 173 3.25 20.84 1.27
N ILE D 174 3.56 20.09 0.21
CA ILE D 174 4.25 20.68 -0.92
C ILE D 174 3.38 21.67 -1.69
N GLU D 175 2.10 21.36 -1.85
CA GLU D 175 1.22 22.24 -2.60
C GLU D 175 0.88 23.56 -1.89
N GLN D 176 0.90 23.57 -0.57
CA GLN D 176 0.60 24.79 0.18
C GLN D 176 1.85 25.63 0.47
N ALA D 177 3.02 25.01 0.36
CA ALA D 177 4.28 25.69 0.69
C ALA D 177 4.68 26.91 -0.11
N LYS D 178 5.29 27.87 0.59
CA LYS D 178 5.80 29.08 -0.04
C LYS D 178 7.32 29.12 0.06
N VAL D 179 7.90 28.08 0.65
CA VAL D 179 9.35 27.94 0.76
C VAL D 179 9.64 26.52 0.26
N PRO D 180 10.90 26.21 -0.04
CA PRO D 180 11.23 24.86 -0.52
C PRO D 180 10.87 23.76 0.47
N VAL D 181 10.43 22.62 -0.07
CA VAL D 181 10.09 21.48 0.76
C VAL D 181 11.05 20.36 0.40
N ILE D 182 11.79 19.90 1.40
CA ILE D 182 12.74 18.82 1.17
C ILE D 182 12.42 17.65 2.07
N VAL D 183 12.10 16.52 1.44
CA VAL D 183 11.77 15.31 2.17
C VAL D 183 13.04 14.84 2.86
N ASP D 184 12.94 14.68 4.17
CA ASP D 184 14.09 14.33 5.00
C ASP D 184 14.05 12.98 5.73
N ALA D 185 14.99 12.11 5.41
CA ALA D 185 15.11 10.80 6.04
C ALA D 185 13.90 9.89 5.92
N GLY D 186 14.07 8.65 6.37
CA GLY D 186 13.02 7.66 6.27
C GLY D 186 13.10 7.03 4.90
N ILE D 187 13.98 7.58 4.06
CA ILE D 187 14.19 7.09 2.70
C ILE D 187 14.97 5.78 2.75
N GLY D 188 14.59 4.82 1.90
CA GLY D 188 15.29 3.54 1.90
C GLY D 188 16.01 3.18 0.62
N SER D 189 15.47 3.63 -0.51
CA SER D 189 16.05 3.32 -1.81
C SER D 189 15.65 4.36 -2.86
N PRO D 190 16.23 4.27 -4.06
CA PRO D 190 15.94 5.21 -5.15
C PRO D 190 14.45 5.41 -5.42
N LYS D 191 13.65 4.35 -5.33
CA LYS D 191 12.22 4.50 -5.59
C LYS D 191 11.60 5.54 -4.68
N ASP D 192 12.06 5.62 -3.44
CA ASP D 192 11.52 6.58 -2.47
C ASP D 192 11.96 8.00 -2.78
N ALA D 193 13.23 8.17 -3.13
CA ALA D 193 13.75 9.50 -3.45
C ALA D 193 13.06 10.01 -4.71
N ALA D 194 12.90 9.12 -5.69
CA ALA D 194 12.24 9.49 -6.93
C ALA D 194 10.78 9.90 -6.67
N TYR D 195 10.09 9.13 -5.82
CA TYR D 195 8.68 9.43 -5.51
C TYR D 195 8.57 10.81 -4.87
N ALA D 196 9.46 11.11 -3.93
CA ALA D 196 9.44 12.42 -3.28
C ALA D 196 9.48 13.52 -4.33
N GLU D 198 8.74 13.20 -7.57
CA GLU D 198 7.56 13.09 -8.43
C GLU D 198 6.36 13.80 -7.79
N LEU D 199 6.36 13.89 -6.47
CA LEU D 199 5.27 14.56 -5.75
C LEU D 199 5.46 16.07 -5.78
N GLY D 200 6.63 16.52 -6.23
CA GLY D 200 6.89 17.95 -6.30
C GLY D 200 7.84 18.50 -5.25
N ALA D 201 8.55 17.62 -4.55
CA ALA D 201 9.49 18.10 -3.53
C ALA D 201 10.59 18.88 -4.24
N ASP D 202 11.19 19.84 -3.54
CA ASP D 202 12.26 20.63 -4.15
C ASP D 202 13.59 19.92 -3.95
N GLY D 203 13.61 18.97 -3.02
CA GLY D 203 14.82 18.23 -2.76
C GLY D 203 14.59 17.08 -1.80
N VAL D 204 15.63 16.29 -1.56
CA VAL D 204 15.56 15.18 -0.65
C VAL D 204 16.85 15.17 0.16
N LEU D 205 16.73 14.88 1.45
CA LEU D 205 17.88 14.81 2.33
C LEU D 205 17.99 13.38 2.81
N LEU D 206 19.15 12.76 2.60
CA LEU D 206 19.29 11.39 3.07
C LEU D 206 20.63 11.19 3.75
N ASN D 207 20.71 10.12 4.55
CA ASN D 207 21.92 9.79 5.26
C ASN D 207 22.24 8.31 5.29
N THR D 208 21.64 7.58 6.23
CA THR D 208 21.95 6.16 6.34
C THR D 208 21.54 5.28 5.16
N ALA D 209 20.55 5.71 4.37
CA ALA D 209 20.16 4.91 3.22
C ALA D 209 21.35 4.78 2.28
N VAL D 210 22.25 5.76 2.34
CA VAL D 210 23.45 5.75 1.51
C VAL D 210 24.64 5.23 2.31
N SER D 211 24.86 5.81 3.48
CA SER D 211 26.00 5.44 4.33
C SER D 211 25.88 4.03 4.89
N GLY D 212 24.65 3.55 5.07
CA GLY D 212 24.45 2.22 5.60
C GLY D 212 24.35 1.09 4.58
N ALA D 213 24.41 1.43 3.30
CA ALA D 213 24.35 0.41 2.26
C ALA D 213 25.64 -0.39 2.21
N ASP D 214 25.60 -1.58 1.63
CA ASP D 214 26.79 -2.41 1.53
C ASP D 214 27.85 -1.72 0.67
N ASP D 215 27.38 -0.93 -0.30
CA ASP D 215 28.28 -0.19 -1.18
C ASP D 215 27.80 1.27 -1.18
N PRO D 216 28.24 2.05 -0.18
CA PRO D 216 27.85 3.46 -0.06
C PRO D 216 28.10 4.32 -1.30
N VAL D 217 29.25 4.14 -1.93
CA VAL D 217 29.56 4.93 -3.12
C VAL D 217 28.57 4.65 -4.24
N LYS D 218 28.28 3.37 -4.48
CA LYS D 218 27.34 3.03 -5.53
C LYS D 218 25.94 3.53 -5.21
N ALA D 220 25.25 6.13 -3.44
CA ALA D 220 25.25 7.59 -3.56
C ALA D 220 24.98 7.93 -5.01
N ARG D 221 25.58 7.16 -5.91
CA ARG D 221 25.39 7.35 -7.35
C ARG D 221 23.92 7.11 -7.69
N ALA D 222 23.37 6.02 -7.15
CA ALA D 222 21.98 5.66 -7.40
C ALA D 222 21.02 6.76 -6.95
N LYS D 224 21.67 9.89 -6.54
CA LYS D 224 21.86 11.06 -7.38
C LYS D 224 20.96 10.92 -8.61
N LEU D 225 21.04 9.76 -9.25
CA LEU D 225 20.25 9.48 -10.44
C LEU D 225 18.75 9.46 -10.13
N ALA D 226 18.39 8.93 -8.96
CA ALA D 226 16.98 8.84 -8.56
C ALA D 226 16.35 10.21 -8.37
N VAL D 227 17.04 11.10 -7.67
CA VAL D 227 16.51 12.45 -7.45
C VAL D 227 16.38 13.17 -8.80
N GLU D 228 17.34 12.97 -9.68
CA GLU D 228 17.28 13.60 -11.00
C GLU D 228 16.10 13.04 -11.79
N ALA D 229 15.96 11.71 -11.81
CA ALA D 229 14.86 11.08 -12.53
C ALA D 229 13.50 11.52 -12.01
N GLY D 230 13.36 11.55 -10.68
CA GLY D 230 12.09 11.95 -10.09
C GLY D 230 11.70 13.36 -10.49
N ARG D 231 12.67 14.28 -10.47
CA ARG D 231 12.45 15.67 -10.84
C ARG D 231 12.06 15.80 -12.31
N LEU D 232 12.78 15.10 -13.17
CA LEU D 232 12.48 15.16 -14.59
C LEU D 232 11.04 14.69 -14.83
N SER D 233 10.65 13.63 -14.13
CA SER D 233 9.29 13.09 -14.27
C SER D 233 8.27 14.13 -13.85
N TYR D 234 8.52 14.78 -12.72
CA TYR D 234 7.62 15.81 -12.22
C TYR D 234 7.42 16.87 -13.31
N GLU D 235 8.50 17.29 -13.94
CA GLU D 235 8.46 18.30 -14.99
C GLU D 235 7.83 17.80 -16.29
N ALA D 236 8.05 16.53 -16.62
CA ALA D 236 7.54 15.94 -17.86
C ALA D 236 6.05 15.67 -17.94
N GLY D 237 5.35 15.74 -16.81
CA GLY D 237 3.92 15.49 -16.81
C GLY D 237 3.58 14.02 -17.05
N ARG D 238 3.64 13.22 -15.99
CA ARG D 238 3.37 11.79 -16.08
C ARG D 238 1.93 11.47 -16.47
N ILE D 239 1.72 10.25 -16.98
CA ILE D 239 0.39 9.81 -17.39
C ILE D 239 -0.51 9.60 -16.18
N PRO D 240 -1.83 9.79 -16.36
CA PRO D 240 -2.78 9.60 -15.25
C PRO D 240 -3.05 8.14 -14.95
N LEU D 241 -3.71 7.89 -13.82
CA LEU D 241 -4.08 6.52 -13.44
C LEU D 241 -5.35 6.18 -14.20
N LYS D 242 -5.34 5.07 -14.91
CA LYS D 242 -6.51 4.65 -15.65
C LYS D 242 -7.61 4.29 -14.66
N GLN D 243 -8.84 4.68 -14.97
CA GLN D 243 -9.96 4.37 -14.08
C GLN D 243 -10.77 3.23 -14.68
N TYR D 244 -10.96 2.17 -13.90
CA TYR D 244 -11.71 1.02 -14.37
C TYR D 244 -13.13 0.94 -13.83
N GLY D 245 -13.41 1.71 -12.78
CA GLY D 245 -14.73 1.69 -12.19
C GLY D 245 -15.03 0.41 -11.44
N THR D 246 -14.02 -0.13 -10.75
CA THR D 246 -14.21 -1.35 -9.97
C THR D 246 -14.49 -0.99 -8.52
N ALA D 247 -14.93 -1.98 -7.75
CA ALA D 247 -15.24 -1.76 -6.34
C ALA D 247 -14.01 -1.37 -5.54
N SER D 248 -12.83 -1.66 -6.08
CA SER D 248 -11.59 -1.32 -5.39
C SER D 248 -11.28 0.17 -5.50
N SER D 249 -12.14 0.90 -6.21
CA SER D 249 -11.98 2.34 -6.38
C SER D 249 -13.32 3.04 -6.13
N PRO D 250 -13.77 3.09 -4.87
CA PRO D 250 -15.04 3.74 -4.54
C PRO D 250 -15.10 5.19 -5.00
#